data_6YY3
#
_entry.id   6YY3
#
_cell.length_a   106.041
_cell.length_b   106.041
_cell.length_c   301.029
_cell.angle_alpha   90.000
_cell.angle_beta   90.000
_cell.angle_gamma   90.000
#
_symmetry.space_group_name_H-M   'P 41 21 2'
#
loop_
_entity.id
_entity.type
_entity.pdbx_description
1 polymer 'Methane monooxygenase'
2 polymer 'Methane monooxygenase component A alpha chain'
3 polymer 'Methane monooxygenase'
4 polymer 'Methane monooxygenase regulatory protein B'
5 non-polymer GLYCEROL
6 non-polymer 'FE (II) ION'
7 water water
#
loop_
_entity_poly.entity_id
_entity_poly.type
_entity_poly.pdbx_seq_one_letter_code
_entity_poly.pdbx_strand_id
1 'polypeptide(L)'
;MSQPQSSQVTKRGLTDPERAAIIAAAVPDHALDTQRKYHYFIQPRWKRLSEYEQLSCYAQPNPDWIAGGLDWGDWTQKFH
GGRPSWGNESTELRTTDWYRHRDPARRWHHPYVKDKSEEARYTQRFLAAYSSEGSIRTIDPYWRDEILNKYFGALLYSEY
GLFNAHSSVGRDCLSDTIRQTAVFAALDKVDNAQMIQMERLFIAKLVPGFDASTDVPKKIWTTDPIYSGARATVQEIWQG
VQDWNEILWAGHAVYDATFGQFARREFFQRLATVYGDTLTPFFTAQSQTYFQTTRGAIDDLFVYCLANDSEFGAHNRTFL
NAWTEHYLASSVAALKDFVGLYAKVEKVAGATDRAGVSEALQRVFGDWKIDYADKIGFRVDVDQKVDAVLAGYKN
;
B
2 'polypeptide(L)'
;MAISLATKAATDALKVNRAPVGVEPQEVHKWLQSFNWDFKENRTKYPTKYHMANETKEQFKVIAKEYARMEAAKDERQFG
TLLDGLTRLGAGNKVHPRWGETMKVISNFLEVGEYNAIAASAMLWDSATAAEQKNGYLAQVLDEIRHTHQCAFINHYYSK
HYHDPAGHNDARRTRAIGPLWKGMKRVFADGFISGDAVECSVNLQLVGEACFTNPLIVAVTEWASANGDEITPTVFLSVE
TDELRHMANGYQTVVSIANDPASAKFLNTDLNNAFWTQQKYFTPVLGYLFEYGSKFKVEPWVKTWNRWVYEDWGGIWIGR
LGKYGVESPASLRDAKRDAYWAHHDLALAAYAMWPLGFARLALPDEEDQAWFEANYPGWADHYGKIFNEWKKLGYEDPKS
GFIPYQWLLANGHDVYIDRVSQVPFIPSLAKGTGSLRVHEFNGKKHSLTDDWGERQWLIEPERYECHNVFEQYEGRELSE
VIAEGHGVRSDGKTLIAQPHTRGDNLWTLEDIKRAGCVFPDPLAKF
;
D
3 'polypeptide(L)'
;MAKREPIHDNSIRTEWEAKIAKLTSVDQATKFIQDFRLAYTSPFRKSYDIDVDYQYIERKIEEKLSVLKTEKLPVADLIT
KATTGEDAAAVEATWIAKIKAAKSKYEAERIHIEFRQLYKPPVLPVNVFLRTDAALGTVLMEIRNTDYYGTPLEGLRKER
GVKVLHLQA
;
F
4 'polypeptide(L)'
;MSSAHNAYNAGIMQKTGKAFADEFFAEENQVVHESNAVVLVLMKSDEIDAIIEDIVLKGGKAKNPSIVVEDKAGFWWIKA
DGAIEIDAAEAGELLGKPFSVYDLLINVSSTVGRAYTLGTKFTITSELMGLDRALTDI
;
G
#
loop_
_chem_comp.id
_chem_comp.type
_chem_comp.name
_chem_comp.formula
FE2 non-polymer 'FE (II) ION' 'Fe 2'
GOL non-polymer GLYCEROL 'C3 H8 O3'
#
# COMPACT_ATOMS: atom_id res chain seq x y z
N PRO A 4 26.14 30.46 -12.25
CA PRO A 4 25.44 29.91 -11.08
C PRO A 4 24.31 28.94 -11.46
N GLN A 5 23.10 29.18 -10.94
CA GLN A 5 21.94 28.38 -11.31
C GLN A 5 20.69 29.23 -11.15
N SER A 6 19.60 28.77 -11.78
CA SER A 6 18.39 29.59 -11.90
C SER A 6 17.67 29.79 -10.57
N SER A 7 17.70 28.82 -9.65
CA SER A 7 16.99 28.96 -8.40
C SER A 7 17.95 29.12 -7.23
N GLN A 8 17.43 29.70 -6.14
CA GLN A 8 18.21 29.92 -4.92
C GLN A 8 18.80 28.60 -4.43
N VAL A 9 20.03 28.67 -3.91
CA VAL A 9 20.67 27.51 -3.28
C VAL A 9 20.36 27.61 -1.79
N THR A 10 19.54 26.70 -1.30
CA THR A 10 18.91 26.89 0.00
C THR A 10 19.93 26.69 1.12
N LYS A 11 19.91 27.60 2.08
CA LYS A 11 20.75 27.49 3.26
C LYS A 11 20.19 26.45 4.22
N ARG A 12 21.07 25.57 4.69
CA ARG A 12 20.70 24.48 5.62
C ARG A 12 20.57 25.03 7.03
N GLY A 13 19.41 24.89 7.62
CA GLY A 13 19.24 25.30 9.01
C GLY A 13 20.21 24.62 9.97
N LEU A 14 20.69 23.43 9.63
CA LEU A 14 21.61 22.74 10.55
C LEU A 14 22.99 23.39 10.58
N THR A 15 23.46 23.94 9.46
CA THR A 15 24.84 24.39 9.37
C THR A 15 25.01 25.87 9.03
N ASP A 16 24.02 26.51 8.43
CA ASP A 16 24.16 27.94 8.16
C ASP A 16 24.15 28.71 9.48
N PRO A 17 25.13 29.59 9.72
CA PRO A 17 25.17 30.30 11.02
C PRO A 17 23.90 31.07 11.32
N GLU A 18 23.40 31.86 10.37
CA GLU A 18 22.21 32.65 10.62
C GLU A 18 21.02 31.77 11.00
N ARG A 19 20.69 30.80 10.15
CA ARG A 19 19.48 30.00 10.39
C ARG A 19 19.65 29.13 11.63
N ALA A 20 20.85 28.60 11.85
CA ALA A 20 21.08 27.79 13.05
C ALA A 20 20.88 28.64 14.30
N ALA A 21 21.38 29.87 14.29
CA ALA A 21 21.17 30.76 15.43
C ALA A 21 19.70 31.05 15.63
N ILE A 22 18.95 31.21 14.53
CA ILE A 22 17.53 31.48 14.66
C ILE A 22 16.80 30.27 15.23
N ILE A 23 17.11 29.07 14.73
CA ILE A 23 16.45 27.86 15.21
C ILE A 23 16.75 27.62 16.68
N ALA A 24 17.99 27.87 17.10
CA ALA A 24 18.38 27.64 18.49
C ALA A 24 17.60 28.55 19.43
N ALA A 25 17.37 29.80 19.01
CA ALA A 25 16.55 30.71 19.80
C ALA A 25 15.11 30.26 19.92
N ALA A 26 14.62 29.39 19.02
CA ALA A 26 13.23 28.95 19.07
C ALA A 26 13.05 27.61 19.76
N VAL A 27 14.10 26.80 19.83
CA VAL A 27 13.98 25.50 20.48
C VAL A 27 13.89 25.71 21.99
N PRO A 28 12.90 25.15 22.66
CA PRO A 28 12.81 25.31 24.13
C PRO A 28 13.97 24.62 24.82
N ASP A 29 14.27 25.12 26.02
CA ASP A 29 15.35 24.58 26.84
C ASP A 29 14.95 23.34 27.62
N HIS A 30 13.71 22.86 27.46
CA HIS A 30 13.28 21.67 28.17
C HIS A 30 12.42 20.84 27.23
N ALA A 31 12.35 19.54 27.49
CA ALA A 31 11.43 18.69 26.76
C ALA A 31 9.99 19.07 27.08
N LEU A 32 9.09 18.82 26.13
CA LEU A 32 7.66 19.10 26.31
C LEU A 32 6.87 17.87 26.70
N ASP A 33 7.46 16.68 26.61
CA ASP A 33 6.91 15.48 27.20
C ASP A 33 8.05 14.49 27.39
N THR A 34 7.86 13.57 28.34
CA THR A 34 8.88 12.60 28.72
C THR A 34 8.67 11.23 28.08
N GLN A 35 7.53 10.99 27.45
CA GLN A 35 7.22 9.70 26.84
C GLN A 35 7.92 9.63 25.49
N ARG A 36 9.04 8.92 25.43
CA ARG A 36 9.86 8.86 24.23
C ARG A 36 9.77 7.52 23.52
N LYS A 37 8.98 6.59 24.04
CA LYS A 37 8.89 5.26 23.47
C LYS A 37 7.83 5.31 22.36
N TYR A 38 8.27 5.12 21.12
CA TYR A 38 7.37 5.26 19.98
C TYR A 38 6.23 4.26 20.08
N HIS A 39 5.00 4.76 20.06
CA HIS A 39 3.78 3.94 20.20
C HIS A 39 3.86 3.02 21.42
N TYR A 40 4.18 3.67 22.54
CA TYR A 40 4.21 3.09 23.87
C TYR A 40 2.97 2.28 24.24
N PHE A 41 1.81 2.51 23.60
CA PHE A 41 0.59 1.83 24.02
C PHE A 41 0.41 0.46 23.37
N ILE A 42 1.27 0.05 22.44
CA ILE A 42 1.16 -1.29 21.89
C ILE A 42 1.36 -2.30 23.01
N GLN A 43 0.51 -3.32 23.06
CA GLN A 43 0.71 -4.39 24.02
C GLN A 43 1.87 -5.26 23.57
N PRO A 44 2.95 -5.36 24.34
CA PRO A 44 4.08 -6.21 23.92
C PRO A 44 3.74 -7.67 24.06
N ARG A 45 4.25 -8.49 23.12
CA ARG A 45 4.10 -9.93 23.19
C ARG A 45 5.18 -10.56 24.07
N TRP A 46 6.32 -9.89 24.21
CA TRP A 46 7.49 -10.39 24.94
C TRP A 46 7.75 -9.46 26.12
N LYS A 47 8.93 -9.56 26.72
CA LYS A 47 9.17 -8.85 27.99
C LYS A 47 8.98 -7.35 27.81
N ARG A 48 9.60 -6.77 26.79
CA ARG A 48 9.46 -5.35 26.51
C ARG A 48 9.09 -5.16 25.04
N LEU A 49 8.60 -3.96 24.73
CA LEU A 49 8.31 -3.61 23.34
C LEU A 49 9.53 -3.85 22.46
N SER A 50 9.29 -4.47 21.31
CA SER A 50 10.31 -4.64 20.29
C SER A 50 10.10 -3.63 19.17
N GLU A 51 11.23 -3.27 18.53
CA GLU A 51 11.21 -2.38 17.37
C GLU A 51 10.30 -2.94 16.28
N TYR A 52 10.35 -4.26 16.08
CA TYR A 52 9.47 -4.90 15.10
C TYR A 52 8.02 -4.52 15.37
N GLU A 53 7.58 -4.61 16.62
CA GLU A 53 6.19 -4.23 16.96
C GLU A 53 5.97 -2.73 16.81
N GLN A 54 6.94 -1.92 17.25
CA GLN A 54 6.81 -0.47 17.19
C GLN A 54 6.61 0.03 15.77
N LEU A 55 7.39 -0.49 14.83
CA LEU A 55 7.30 -0.02 13.45
C LEU A 55 6.15 -0.65 12.67
N SER A 56 5.65 -1.80 13.12
CA SER A 56 4.61 -2.52 12.39
C SER A 56 3.19 -2.28 12.92
N CYS A 57 2.99 -2.30 14.25
CA CYS A 57 1.65 -2.48 14.81
C CYS A 57 0.78 -1.23 14.72
N TYR A 58 -0.43 -1.41 14.18
CA TYR A 58 -1.43 -0.35 13.96
C TYR A 58 -1.09 0.57 12.81
N ALA A 59 -0.15 0.19 11.92
CA ALA A 59 -0.03 0.90 10.65
C ALA A 59 -1.33 0.77 9.85
N GLN A 60 -1.94 -0.40 9.88
CA GLN A 60 -3.24 -0.60 9.24
C GLN A 60 -4.32 0.22 9.94
N PRO A 61 -5.02 1.12 9.23
CA PRO A 61 -5.94 2.05 9.91
C PRO A 61 -7.35 1.45 10.05
N ASN A 62 -7.44 0.30 10.71
CA ASN A 62 -8.74 -0.35 10.85
C ASN A 62 -9.61 0.42 11.84
N PRO A 63 -10.90 0.57 11.55
CA PRO A 63 -11.85 1.12 12.53
C PRO A 63 -12.24 0.04 13.53
N ASP A 64 -13.03 0.44 14.52
CA ASP A 64 -13.40 -0.45 15.61
C ASP A 64 -14.34 -1.58 15.18
N TRP A 65 -14.97 -1.48 14.01
CA TRP A 65 -15.83 -2.57 13.54
C TRP A 65 -15.05 -3.64 12.78
N ILE A 66 -13.72 -3.56 12.78
CA ILE A 66 -12.87 -4.68 12.41
C ILE A 66 -12.04 -5.00 13.66
N ALA A 67 -12.25 -6.19 14.23
CA ALA A 67 -11.71 -6.56 15.54
C ALA A 67 -10.28 -6.07 15.75
N GLY A 68 -10.10 -5.16 16.70
CA GLY A 68 -8.82 -4.66 17.11
C GLY A 68 -8.55 -3.23 16.69
N GLY A 69 -9.30 -2.72 15.71
CA GLY A 69 -9.03 -1.42 15.16
C GLY A 69 -9.21 -0.31 16.19
N LEU A 70 -8.41 0.75 16.04
CA LEU A 70 -8.43 1.91 16.92
C LEU A 70 -9.15 3.11 16.31
N ASP A 71 -9.49 3.05 15.03
CA ASP A 71 -10.10 4.19 14.35
C ASP A 71 -11.62 4.04 14.43
N TRP A 72 -12.34 4.91 13.74
CA TRP A 72 -13.80 4.89 13.78
C TRP A 72 -14.33 5.29 12.41
N GLY A 73 -15.58 4.93 12.17
CA GLY A 73 -16.28 5.39 10.99
C GLY A 73 -16.15 4.43 9.83
N ASP A 74 -16.85 4.77 8.75
CA ASP A 74 -16.72 4.03 7.51
C ASP A 74 -15.48 4.49 6.75
N TRP A 75 -15.04 3.66 5.81
CA TRP A 75 -14.05 4.08 4.83
C TRP A 75 -14.57 5.27 4.03
N THR A 76 -13.63 6.04 3.49
CA THR A 76 -13.95 7.25 2.75
C THR A 76 -14.40 6.93 1.33
N GLN A 77 -13.95 5.81 0.80
CA GLN A 77 -14.24 5.40 -0.57
C GLN A 77 -14.21 3.89 -0.59
N LYS A 78 -15.25 3.28 -1.12
CA LYS A 78 -15.35 1.84 -1.18
C LYS A 78 -15.56 1.43 -2.64
N PHE A 79 -15.58 0.12 -2.87
CA PHE A 79 -15.85 -0.42 -4.18
C PHE A 79 -17.23 -0.01 -4.68
N HIS A 80 -17.43 -0.06 -6.00
CA HIS A 80 -18.77 -0.02 -6.56
C HIS A 80 -19.59 -1.16 -5.96
N GLY A 81 -20.80 -0.85 -5.48
CA GLY A 81 -21.63 -1.81 -4.80
C GLY A 81 -21.52 -1.82 -3.29
N GLY A 82 -20.41 -1.33 -2.75
CA GLY A 82 -20.27 -1.18 -1.30
C GLY A 82 -19.23 -2.08 -0.64
N ARG A 83 -18.51 -2.94 -1.36
CA ARG A 83 -17.45 -3.71 -0.72
C ARG A 83 -16.47 -2.74 -0.05
N PRO A 84 -16.18 -2.91 1.23
CA PRO A 84 -15.29 -1.98 1.92
C PRO A 84 -13.82 -2.25 1.62
N SER A 85 -12.99 -1.22 1.80
CA SER A 85 -11.56 -1.33 1.58
C SER A 85 -11.00 -2.59 2.22
N TRP A 86 -11.20 -2.71 3.53
CA TRP A 86 -11.06 -3.97 4.26
C TRP A 86 -12.37 -4.26 5.00
N GLY A 87 -12.69 -5.54 5.13
CA GLY A 87 -13.93 -5.92 5.79
C GLY A 87 -13.90 -7.34 6.32
N ASN A 88 -14.83 -7.61 7.24
CA ASN A 88 -14.95 -8.93 7.82
C ASN A 88 -15.44 -9.97 6.81
N GLU A 89 -16.00 -9.54 5.68
CA GLU A 89 -16.41 -10.47 4.65
C GLU A 89 -15.24 -11.12 3.92
N SER A 90 -14.00 -10.77 4.26
CA SER A 90 -12.83 -11.28 3.56
C SER A 90 -12.48 -12.72 3.95
N THR A 91 -12.95 -13.19 5.11
CA THR A 91 -12.55 -14.51 5.59
C THR A 91 -13.63 -15.07 6.51
N GLU A 92 -13.64 -16.39 6.62
CA GLU A 92 -14.57 -17.07 7.53
C GLU A 92 -14.10 -16.95 8.98
N LEU A 93 -12.80 -16.91 9.21
CA LEU A 93 -12.29 -16.93 10.57
C LEU A 93 -12.60 -15.63 11.28
N ARG A 94 -12.67 -15.69 12.61
CA ARG A 94 -12.95 -14.55 13.45
C ARG A 94 -11.97 -14.54 14.62
N THR A 95 -11.82 -13.37 15.23
CA THR A 95 -10.88 -13.16 16.34
C THR A 95 -11.32 -11.92 17.09
N THR A 96 -10.87 -11.79 18.34
CA THR A 96 -11.11 -10.56 19.07
C THR A 96 -10.15 -9.43 18.68
N ASP A 97 -9.07 -9.74 17.98
CA ASP A 97 -8.08 -8.70 17.63
C ASP A 97 -7.24 -9.19 16.46
N TRP A 98 -7.35 -8.54 15.31
CA TRP A 98 -6.55 -8.97 14.16
C TRP A 98 -5.08 -8.58 14.27
N TYR A 99 -4.71 -7.70 15.20
CA TYR A 99 -3.33 -7.26 15.40
C TYR A 99 -2.54 -8.19 16.31
N ARG A 100 -3.14 -9.27 16.79
CA ARG A 100 -2.48 -10.12 17.79
C ARG A 100 -1.23 -10.80 17.23
N HIS A 101 -1.24 -11.18 15.95
CA HIS A 101 -0.19 -11.99 15.37
C HIS A 101 1.18 -11.32 15.51
N ARG A 102 2.20 -12.15 15.77
CA ARG A 102 3.59 -11.73 15.86
C ARG A 102 4.41 -12.78 15.13
N ASP A 103 5.15 -12.37 14.10
CA ASP A 103 6.24 -13.16 13.54
C ASP A 103 7.25 -13.46 14.66
N PRO A 104 7.48 -14.72 15.02
CA PRO A 104 8.49 -15.00 16.06
C PRO A 104 9.90 -14.55 15.67
N ALA A 105 10.24 -14.47 14.39
CA ALA A 105 11.53 -13.92 13.96
C ALA A 105 11.54 -12.39 13.90
N ARG A 106 10.44 -11.71 14.21
CA ARG A 106 10.41 -10.26 14.43
C ARG A 106 10.89 -9.48 13.20
N ARG A 107 10.54 -9.97 12.01
CA ARG A 107 11.00 -9.35 10.76
C ARG A 107 10.09 -8.18 10.39
N TRP A 108 10.63 -6.97 10.54
CA TRP A 108 10.18 -5.85 9.73
C TRP A 108 11.07 -5.83 8.47
N HIS A 109 10.94 -4.80 7.61
CA HIS A 109 11.53 -4.91 6.26
C HIS A 109 13.06 -5.03 6.31
N HIS A 110 13.71 -4.23 7.15
CA HIS A 110 15.17 -4.20 7.13
C HIS A 110 15.81 -5.55 7.44
N PRO A 111 15.52 -6.22 8.56
CA PRO A 111 16.13 -7.53 8.79
C PRO A 111 15.80 -8.54 7.72
N TYR A 112 14.63 -8.42 7.09
CA TYR A 112 14.27 -9.37 6.05
C TYR A 112 15.16 -9.23 4.83
N VAL A 113 15.32 -8.01 4.29
CA VAL A 113 16.20 -7.88 3.13
C VAL A 113 17.66 -8.00 3.54
N LYS A 114 18.01 -7.66 4.77
CA LYS A 114 19.40 -7.81 5.23
C LYS A 114 19.81 -9.27 5.18
N ASP A 115 18.97 -10.14 5.74
CA ASP A 115 19.23 -11.58 5.67
C ASP A 115 19.26 -12.07 4.23
N LYS A 116 18.26 -11.72 3.43
CA LYS A 116 18.25 -12.26 2.08
C LYS A 116 19.43 -11.75 1.26
N SER A 117 19.89 -10.52 1.53
CA SER A 117 21.04 -9.98 0.81
CA SER A 117 21.05 -9.99 0.82
C SER A 117 22.31 -10.78 1.11
N GLU A 118 22.45 -11.29 2.34
CA GLU A 118 23.59 -12.15 2.66
C GLU A 118 23.55 -13.41 1.80
N GLU A 119 22.36 -14.01 1.67
CA GLU A 119 22.21 -15.21 0.87
C GLU A 119 22.44 -14.91 -0.60
N ALA A 120 22.00 -13.73 -1.05
CA ALA A 120 22.17 -13.34 -2.45
C ALA A 120 23.65 -13.26 -2.80
N ARG A 121 24.42 -12.51 -2.00
CA ARG A 121 25.83 -12.31 -2.32
C ARG A 121 26.62 -13.60 -2.11
N TYR A 122 26.40 -14.28 -0.97
CA TYR A 122 27.12 -15.51 -0.71
C TYR A 122 26.86 -16.56 -1.78
N THR A 123 25.62 -16.65 -2.28
CA THR A 123 25.32 -17.63 -3.31
C THR A 123 26.19 -17.42 -4.54
N GLN A 124 26.38 -16.16 -4.95
CA GLN A 124 27.25 -15.88 -6.10
C GLN A 124 28.68 -16.29 -5.80
N ARG A 125 29.15 -16.03 -4.57
CA ARG A 125 30.51 -16.43 -4.24
C ARG A 125 30.65 -17.95 -4.26
N PHE A 126 29.64 -18.66 -3.74
CA PHE A 126 29.66 -20.11 -3.77
C PHE A 126 29.68 -20.65 -5.20
N LEU A 127 28.98 -19.96 -6.11
CA LEU A 127 28.86 -20.49 -7.48
C LEU A 127 30.15 -20.29 -8.26
N ALA A 128 30.86 -19.20 -8.01
CA ALA A 128 32.15 -18.99 -8.64
C ALA A 128 33.19 -19.99 -8.18
N ALA A 129 33.13 -20.40 -6.90
CA ALA A 129 34.10 -21.35 -6.37
C ALA A 129 33.79 -22.77 -6.80
N TYR A 130 32.50 -23.12 -6.84
CA TYR A 130 32.07 -24.45 -7.26
C TYR A 130 32.43 -24.71 -8.72
N SER A 131 32.21 -23.71 -9.56
CA SER A 131 32.65 -23.78 -10.94
C SER A 131 34.17 -23.91 -11.04
N SER A 132 34.90 -23.27 -10.12
CA SER A 132 36.36 -23.39 -10.09
C SER A 132 36.82 -24.71 -9.50
N GLU A 133 36.05 -25.28 -8.56
CA GLU A 133 36.36 -26.60 -8.02
C GLU A 133 36.16 -27.72 -9.03
N GLY A 134 35.37 -27.50 -10.09
CA GLY A 134 34.94 -28.59 -10.94
C GLY A 134 34.24 -29.70 -10.20
N SER A 135 33.48 -29.36 -9.16
CA SER A 135 32.85 -30.39 -8.33
C SER A 135 31.68 -31.06 -9.03
N ILE A 136 31.14 -30.44 -10.07
CA ILE A 136 30.07 -31.06 -10.84
C ILE A 136 30.52 -32.36 -11.49
N ARG A 137 31.84 -32.57 -11.63
CA ARG A 137 32.33 -33.78 -12.28
C ARG A 137 31.83 -35.05 -11.61
N THR A 138 31.58 -34.99 -10.31
CA THR A 138 31.17 -36.18 -9.57
C THR A 138 29.65 -36.36 -9.53
N ILE A 139 28.89 -35.58 -10.30
CA ILE A 139 27.44 -35.70 -10.31
C ILE A 139 27.05 -36.77 -11.31
N ASP A 140 26.27 -37.76 -10.86
CA ASP A 140 25.72 -38.75 -11.75
C ASP A 140 25.02 -38.06 -12.92
N PRO A 141 25.41 -38.35 -14.16
CA PRO A 141 24.82 -37.61 -15.28
C PRO A 141 23.35 -37.87 -15.46
N TYR A 142 22.86 -39.04 -15.03
CA TYR A 142 21.44 -39.36 -15.21
C TYR A 142 20.57 -38.57 -14.25
N TRP A 143 20.91 -38.62 -12.96
CA TRP A 143 20.29 -37.73 -11.99
C TRP A 143 20.34 -36.29 -12.47
N ARG A 144 21.51 -35.86 -12.96
CA ARG A 144 21.67 -34.49 -13.42
C ARG A 144 20.74 -34.17 -14.57
N ASP A 145 20.79 -34.96 -15.64
CA ASP A 145 20.11 -34.56 -16.86
C ASP A 145 18.64 -34.95 -16.90
N GLU A 146 18.22 -35.92 -16.11
CA GLU A 146 16.86 -36.46 -16.20
C GLU A 146 15.99 -36.15 -15.00
N ILE A 147 16.51 -36.33 -13.78
CA ILE A 147 15.75 -35.99 -12.58
C ILE A 147 15.92 -34.52 -12.22
N LEU A 148 17.17 -34.04 -12.19
CA LEU A 148 17.42 -32.67 -11.77
C LEU A 148 16.89 -31.66 -12.79
N ASN A 149 17.31 -31.77 -14.05
CA ASN A 149 16.94 -30.74 -15.02
C ASN A 149 15.43 -30.72 -15.26
N LYS A 150 14.81 -31.89 -15.36
CA LYS A 150 13.41 -31.98 -15.78
C LYS A 150 12.45 -31.90 -14.59
N TYR A 151 12.68 -32.72 -13.57
CA TYR A 151 11.71 -32.86 -12.48
C TYR A 151 11.95 -31.89 -11.34
N PHE A 152 13.21 -31.59 -11.00
CA PHE A 152 13.48 -30.48 -10.09
C PHE A 152 13.10 -29.14 -10.74
N GLY A 153 13.40 -28.98 -12.04
CA GLY A 153 12.98 -27.78 -12.74
C GLY A 153 11.47 -27.58 -12.73
N ALA A 154 10.71 -28.67 -12.85
CA ALA A 154 9.26 -28.54 -12.87
C ALA A 154 8.73 -28.09 -11.51
N LEU A 155 9.46 -28.38 -10.42
CA LEU A 155 9.01 -27.99 -9.09
C LEU A 155 8.99 -26.46 -8.90
N LEU A 156 9.75 -25.72 -9.69
CA LEU A 156 9.67 -24.26 -9.57
C LEU A 156 8.25 -23.77 -9.83
N TYR A 157 7.52 -24.45 -10.70
CA TYR A 157 6.15 -24.05 -11.01
C TYR A 157 5.24 -24.22 -9.81
N SER A 158 5.51 -25.24 -8.98
CA SER A 158 4.75 -25.37 -7.74
C SER A 158 5.06 -24.19 -6.81
N GLU A 159 6.34 -23.85 -6.67
CA GLU A 159 6.73 -22.70 -5.85
C GLU A 159 6.15 -21.42 -6.42
N TYR A 160 6.16 -21.28 -7.75
CA TYR A 160 5.64 -20.06 -8.34
C TYR A 160 4.14 -19.92 -8.11
N GLY A 161 3.40 -21.02 -8.20
CA GLY A 161 1.97 -20.95 -7.92
C GLY A 161 1.67 -20.62 -6.47
N LEU A 162 2.40 -21.24 -5.53
CA LEU A 162 2.28 -20.88 -4.13
C LEU A 162 2.57 -19.40 -3.92
N PHE A 163 3.59 -18.87 -4.60
CA PHE A 163 3.87 -17.43 -4.52
C PHE A 163 2.66 -16.62 -4.97
N ASN A 164 2.10 -16.95 -6.15
CA ASN A 164 1.00 -16.15 -6.68
C ASN A 164 -0.28 -16.29 -5.86
N ALA A 165 -0.43 -17.37 -5.10
CA ALA A 165 -1.58 -17.48 -4.22
C ALA A 165 -1.65 -16.32 -3.23
N HIS A 166 -0.54 -15.64 -2.99
CA HIS A 166 -0.53 -14.58 -2.00
C HIS A 166 -1.01 -13.24 -2.54
N SER A 167 -1.23 -13.12 -3.85
CA SER A 167 -1.60 -11.82 -4.39
C SER A 167 -2.86 -11.31 -3.71
N SER A 168 -3.93 -12.11 -3.72
CA SER A 168 -5.15 -11.67 -3.08
C SER A 168 -5.00 -11.61 -1.56
N VAL A 169 -4.14 -12.47 -0.98
CA VAL A 169 -3.85 -12.40 0.46
C VAL A 169 -3.28 -11.03 0.81
N GLY A 170 -2.34 -10.55 0.00
CA GLY A 170 -1.68 -9.30 0.31
C GLY A 170 -2.63 -8.13 0.26
N ARG A 171 -3.66 -8.22 -0.59
CA ARG A 171 -4.68 -7.18 -0.67
C ARG A 171 -5.71 -7.30 0.45
N ASP A 172 -6.15 -8.53 0.77
CA ASP A 172 -7.35 -8.71 1.56
C ASP A 172 -7.12 -8.84 3.06
N CYS A 173 -5.94 -9.26 3.50
CA CYS A 173 -5.81 -9.64 4.90
C CYS A 173 -5.84 -8.40 5.81
N LEU A 174 -6.12 -8.66 7.09
CA LEU A 174 -6.76 -7.65 7.91
C LEU A 174 -5.84 -7.02 8.96
N SER A 175 -4.54 -7.28 8.92
CA SER A 175 -3.69 -6.51 9.81
C SER A 175 -2.28 -6.41 9.26
N ASP A 176 -1.47 -5.57 9.92
CA ASP A 176 -0.12 -5.24 9.46
C ASP A 176 0.85 -6.40 9.63
N THR A 177 0.96 -6.95 10.84
CA THR A 177 1.88 -8.08 11.05
C THR A 177 1.48 -9.28 10.20
N ILE A 178 0.19 -9.48 9.95
CA ILE A 178 -0.23 -10.57 9.09
C ILE A 178 0.22 -10.32 7.66
N ARG A 179 -0.06 -9.12 7.15
CA ARG A 179 0.36 -8.71 5.82
C ARG A 179 1.87 -8.91 5.63
N GLN A 180 2.66 -8.49 6.61
CA GLN A 180 4.12 -8.63 6.50
C GLN A 180 4.51 -10.09 6.43
N THR A 181 3.95 -10.90 7.34
CA THR A 181 4.17 -12.34 7.31
C THR A 181 3.80 -12.94 5.96
N ALA A 182 2.66 -12.53 5.40
CA ALA A 182 2.23 -13.08 4.12
C ALA A 182 3.16 -12.66 3.00
N VAL A 183 3.45 -11.36 2.91
CA VAL A 183 4.28 -10.87 1.80
C VAL A 183 5.68 -11.47 1.85
N PHE A 184 6.26 -11.60 3.05
CA PHE A 184 7.59 -12.19 3.15
C PHE A 184 7.56 -13.65 2.73
N ALA A 185 6.48 -14.37 3.07
CA ALA A 185 6.35 -15.75 2.64
C ALA A 185 6.24 -15.84 1.12
N ALA A 186 5.49 -14.92 0.51
CA ALA A 186 5.33 -14.90 -0.95
C ALA A 186 6.66 -14.69 -1.64
N LEU A 187 7.46 -13.73 -1.17
CA LEU A 187 8.73 -13.46 -1.84
C LEU A 187 9.65 -14.65 -1.71
N ASP A 188 9.66 -15.32 -0.56
CA ASP A 188 10.55 -16.46 -0.43
C ASP A 188 10.20 -17.55 -1.43
N LYS A 189 8.90 -17.70 -1.70
CA LYS A 189 8.41 -18.71 -2.63
C LYS A 189 8.85 -18.38 -4.06
N VAL A 190 8.67 -17.13 -4.48
CA VAL A 190 9.16 -16.80 -5.82
C VAL A 190 10.69 -16.80 -5.85
N ASP A 191 11.33 -16.53 -4.71
CA ASP A 191 12.78 -16.71 -4.60
C ASP A 191 13.14 -18.16 -4.88
N ASN A 192 12.42 -19.10 -4.25
CA ASN A 192 12.68 -20.53 -4.46
C ASN A 192 12.61 -20.90 -5.94
N ALA A 193 11.58 -20.41 -6.65
CA ALA A 193 11.45 -20.72 -8.07
C ALA A 193 12.59 -20.10 -8.88
N GLN A 194 12.92 -18.85 -8.60
CA GLN A 194 14.05 -18.23 -9.29
C GLN A 194 15.36 -18.94 -8.96
N MET A 195 15.51 -19.44 -7.73
CA MET A 195 16.74 -20.14 -7.36
C MET A 195 16.85 -21.49 -8.06
N ILE A 196 15.72 -22.17 -8.31
CA ILE A 196 15.78 -23.42 -9.07
C ILE A 196 16.21 -23.13 -10.49
N GLN A 197 15.63 -22.08 -11.09
CA GLN A 197 16.06 -21.69 -12.42
C GLN A 197 17.50 -21.23 -12.42
N MET A 198 17.95 -20.61 -11.34
CA MET A 198 19.36 -20.20 -11.28
C MET A 198 20.27 -21.41 -11.29
N GLU A 199 19.92 -22.46 -10.52
CA GLU A 199 20.75 -23.67 -10.53
C GLU A 199 20.80 -24.29 -11.92
N ARG A 200 19.66 -24.38 -12.60
CA ARG A 200 19.64 -24.92 -13.94
C ARG A 200 20.49 -24.08 -14.89
N LEU A 201 20.42 -22.76 -14.77
CA LEU A 201 21.24 -21.91 -15.64
C LEU A 201 22.73 -22.07 -15.34
N PHE A 202 23.07 -22.30 -14.08
CA PHE A 202 24.45 -22.53 -13.69
C PHE A 202 25.00 -23.77 -14.38
N ILE A 203 24.28 -24.88 -14.26
CA ILE A 203 24.71 -26.13 -14.88
C ILE A 203 24.84 -25.99 -16.38
N ALA A 204 23.99 -25.18 -17.02
CA ALA A 204 24.13 -24.94 -18.46
C ALA A 204 25.45 -24.29 -18.80
N LYS A 205 26.07 -23.62 -17.84
CA LYS A 205 27.36 -23.01 -18.10
C LYS A 205 28.51 -24.00 -17.93
N LEU A 206 28.32 -25.06 -17.15
CA LEU A 206 29.36 -26.04 -16.89
C LEU A 206 29.26 -27.27 -17.75
N VAL A 207 28.08 -27.57 -18.28
CA VAL A 207 27.83 -28.77 -19.07
C VAL A 207 27.33 -28.33 -20.44
N PRO A 208 28.18 -28.33 -21.46
CA PRO A 208 27.73 -27.99 -22.81
C PRO A 208 26.63 -28.95 -23.27
N GLY A 209 25.64 -28.40 -23.97
CA GLY A 209 24.48 -29.18 -24.35
C GLY A 209 23.44 -29.36 -23.27
N PHE A 210 23.69 -28.85 -22.07
CA PHE A 210 22.68 -28.88 -21.02
C PHE A 210 21.70 -27.74 -21.24
N ASP A 211 20.42 -28.09 -21.40
CA ASP A 211 19.40 -27.13 -21.78
C ASP A 211 18.72 -26.61 -20.52
N ALA A 212 19.03 -25.36 -20.15
CA ALA A 212 18.45 -24.71 -18.98
C ALA A 212 17.12 -24.03 -19.28
N SER A 213 16.65 -24.08 -20.52
CA SER A 213 15.35 -23.52 -20.86
C SER A 213 14.26 -24.16 -19.99
N THR A 214 13.22 -23.39 -19.72
CA THR A 214 12.11 -23.90 -18.91
C THR A 214 11.09 -24.69 -19.71
N ASP A 215 11.31 -24.90 -21.02
CA ASP A 215 10.32 -25.52 -21.89
C ASP A 215 9.92 -26.90 -21.39
N VAL A 216 10.90 -27.80 -21.26
CA VAL A 216 10.61 -29.14 -20.78
C VAL A 216 10.10 -29.12 -19.34
N PRO A 217 10.71 -28.38 -18.41
CA PRO A 217 10.10 -28.29 -17.06
C PRO A 217 8.65 -27.85 -17.08
N LYS A 218 8.33 -26.82 -17.87
CA LYS A 218 6.94 -26.36 -17.94
C LYS A 218 6.03 -27.42 -18.53
N LYS A 219 6.51 -28.12 -19.56
CA LYS A 219 5.75 -29.22 -20.15
C LYS A 219 5.53 -30.33 -19.13
N ILE A 220 6.55 -30.66 -18.34
CA ILE A 220 6.42 -31.69 -17.33
C ILE A 220 5.44 -31.25 -16.24
N TRP A 221 5.58 -30.01 -15.77
CA TRP A 221 4.66 -29.51 -14.77
C TRP A 221 3.21 -29.64 -15.23
N THR A 222 2.94 -29.27 -16.47
CA THR A 222 1.57 -29.16 -16.96
C THR A 222 0.99 -30.46 -17.50
N THR A 223 1.80 -31.42 -17.95
CA THR A 223 1.25 -32.65 -18.53
C THR A 223 1.83 -33.95 -18.00
N ASP A 224 2.84 -33.92 -17.15
CA ASP A 224 3.33 -35.17 -16.59
C ASP A 224 2.40 -35.63 -15.46
N PRO A 225 1.97 -36.89 -15.46
CA PRO A 225 1.12 -37.36 -14.36
C PRO A 225 1.79 -37.31 -13.00
N ILE A 226 3.13 -37.26 -12.94
CA ILE A 226 3.83 -37.17 -11.66
C ILE A 226 3.51 -35.86 -10.94
N TYR A 227 3.21 -34.79 -11.68
CA TYR A 227 2.86 -33.51 -11.09
C TYR A 227 1.37 -33.17 -11.23
N SER A 228 0.57 -34.09 -11.78
CA SER A 228 -0.84 -33.81 -12.03
C SER A 228 -1.57 -33.36 -10.77
N GLY A 229 -1.42 -34.11 -9.68
CA GLY A 229 -2.12 -33.76 -8.46
C GLY A 229 -1.57 -32.52 -7.78
N ALA A 230 -0.25 -32.34 -7.80
CA ALA A 230 0.34 -31.13 -7.27
C ALA A 230 -0.16 -29.90 -8.01
N ARG A 231 -0.23 -29.96 -9.34
CA ARG A 231 -0.68 -28.81 -10.12
C ARG A 231 -2.13 -28.45 -9.81
N ALA A 232 -2.97 -29.47 -9.62
CA ALA A 232 -4.40 -29.24 -9.33
C ALA A 232 -4.59 -28.54 -7.99
N THR A 233 -3.86 -29.00 -6.96
CA THR A 233 -3.95 -28.36 -5.65
C THR A 233 -3.51 -26.90 -5.72
N VAL A 234 -2.35 -26.64 -6.34
CA VAL A 234 -1.80 -25.30 -6.41
C VAL A 234 -2.73 -24.37 -7.20
N GLN A 235 -3.25 -24.86 -8.33
CA GLN A 235 -4.23 -24.08 -9.08
C GLN A 235 -5.49 -23.81 -8.25
N GLU A 236 -5.87 -24.77 -7.42
CA GLU A 236 -7.02 -24.55 -6.54
C GLU A 236 -6.69 -23.55 -5.44
N ILE A 237 -5.56 -23.76 -4.75
CA ILE A 237 -5.18 -22.87 -3.66
C ILE A 237 -4.98 -21.45 -4.18
N TRP A 238 -4.41 -21.32 -5.38
CA TRP A 238 -4.14 -20.01 -5.96
C TRP A 238 -5.43 -19.34 -6.42
N GLN A 239 -6.15 -19.95 -7.36
CA GLN A 239 -7.25 -19.26 -8.02
C GLN A 239 -8.63 -19.79 -7.65
N GLY A 240 -8.73 -20.84 -6.86
CA GLY A 240 -10.03 -21.40 -6.54
C GLY A 240 -10.75 -20.74 -5.38
N VAL A 241 -10.02 -20.02 -4.52
CA VAL A 241 -10.57 -19.46 -3.29
C VAL A 241 -10.02 -18.06 -3.08
N GLN A 242 -10.72 -17.27 -2.25
CA GLN A 242 -10.20 -15.96 -1.88
C GLN A 242 -10.16 -15.70 -0.38
N ASP A 243 -10.74 -16.56 0.45
CA ASP A 243 -10.58 -16.44 1.90
C ASP A 243 -9.08 -16.41 2.21
N TRP A 244 -8.56 -15.28 2.65
CA TRP A 244 -7.12 -15.15 2.71
C TRP A 244 -6.51 -16.02 3.80
N ASN A 245 -7.30 -16.40 4.81
CA ASN A 245 -6.83 -17.35 5.81
C ASN A 245 -6.79 -18.76 5.25
N GLU A 246 -7.77 -19.11 4.43
CA GLU A 246 -7.79 -20.42 3.78
C GLU A 246 -6.57 -20.61 2.91
N ILE A 247 -6.24 -19.59 2.10
CA ILE A 247 -5.07 -19.65 1.25
C ILE A 247 -3.81 -19.90 2.07
N LEU A 248 -3.60 -19.08 3.12
CA LEU A 248 -2.40 -19.22 3.93
C LEU A 248 -2.34 -20.59 4.59
N TRP A 249 -3.44 -20.99 5.25
CA TRP A 249 -3.46 -22.29 5.92
C TRP A 249 -3.28 -23.42 4.91
N ALA A 250 -4.04 -23.40 3.81
CA ALA A 250 -3.94 -24.48 2.85
C ALA A 250 -2.58 -24.49 2.18
N GLY A 251 -2.06 -23.31 1.82
CA GLY A 251 -0.81 -23.25 1.08
C GLY A 251 0.37 -23.72 1.90
N HIS A 252 0.54 -23.18 3.10
CA HIS A 252 1.76 -23.44 3.86
C HIS A 252 1.58 -24.59 4.85
N ALA A 253 0.46 -24.61 5.56
CA ALA A 253 0.26 -25.55 6.65
C ALA A 253 -0.16 -26.94 6.18
N VAL A 254 -0.70 -27.06 4.97
CA VAL A 254 -1.10 -28.38 4.49
C VAL A 254 -0.28 -28.77 3.27
N TYR A 255 -0.51 -28.10 2.14
CA TYR A 255 0.17 -28.46 0.90
C TYR A 255 1.70 -28.39 1.04
N ASP A 256 2.23 -27.18 1.27
CA ASP A 256 3.69 -27.06 1.29
C ASP A 256 4.30 -27.85 2.44
N ALA A 257 3.54 -28.09 3.51
CA ALA A 257 4.08 -28.80 4.66
C ALA A 257 4.09 -30.30 4.45
N THR A 258 3.32 -30.80 3.48
CA THR A 258 3.29 -32.23 3.18
C THR A 258 3.93 -32.49 1.83
N PHE A 259 3.28 -32.10 0.73
CA PHE A 259 3.89 -32.31 -0.59
C PHE A 259 5.19 -31.53 -0.73
N GLY A 260 5.17 -30.24 -0.36
CA GLY A 260 6.37 -29.43 -0.50
C GLY A 260 7.55 -29.99 0.27
N GLN A 261 7.32 -30.35 1.54
CA GLN A 261 8.42 -30.83 2.36
C GLN A 261 8.98 -32.15 1.85
N PHE A 262 8.10 -33.06 1.42
CA PHE A 262 8.56 -34.32 0.85
C PHE A 262 9.34 -34.09 -0.45
N ALA A 263 8.80 -33.27 -1.36
CA ALA A 263 9.46 -33.05 -2.64
C ALA A 263 10.83 -32.42 -2.45
N ARG A 264 10.89 -31.32 -1.69
CA ARG A 264 12.15 -30.59 -1.54
C ARG A 264 13.16 -31.37 -0.70
N ARG A 265 12.77 -31.78 0.51
CA ARG A 265 13.70 -32.40 1.45
C ARG A 265 13.84 -33.92 1.29
N GLU A 266 12.74 -34.66 1.15
CA GLU A 266 12.87 -36.12 1.10
C GLU A 266 13.29 -36.61 -0.27
N PHE A 267 12.89 -35.94 -1.34
CA PHE A 267 13.30 -36.37 -2.68
C PHE A 267 14.56 -35.64 -3.11
N PHE A 268 14.43 -34.37 -3.51
CA PHE A 268 15.51 -33.73 -4.26
C PHE A 268 16.73 -33.46 -3.39
N GLN A 269 16.55 -33.00 -2.15
CA GLN A 269 17.70 -32.82 -1.28
C GLN A 269 18.27 -34.16 -0.83
N ARG A 270 17.41 -35.06 -0.35
CA ARG A 270 17.89 -36.33 0.21
C ARG A 270 18.57 -37.18 -0.86
N LEU A 271 17.97 -37.28 -2.04
CA LEU A 271 18.57 -38.10 -3.09
C LEU A 271 19.73 -37.41 -3.78
N ALA A 272 19.91 -36.10 -3.56
CA ALA A 272 21.14 -35.46 -3.99
C ALA A 272 22.34 -36.06 -3.26
N THR A 273 22.18 -36.36 -1.96
CA THR A 273 23.21 -36.98 -1.16
C THR A 273 23.18 -38.51 -1.21
N VAL A 274 22.60 -39.08 -2.25
CA VAL A 274 22.85 -40.47 -2.61
C VAL A 274 23.43 -40.61 -4.01
N TYR A 275 23.29 -39.59 -4.86
CA TYR A 275 23.79 -39.61 -6.23
C TYR A 275 24.90 -38.61 -6.47
N GLY A 276 25.63 -38.22 -5.43
CA GLY A 276 26.82 -37.37 -5.61
C GLY A 276 26.53 -35.98 -6.11
N ASP A 277 25.42 -35.39 -5.69
CA ASP A 277 25.04 -34.03 -6.09
C ASP A 277 25.43 -33.08 -4.96
N THR A 278 26.52 -32.34 -5.16
CA THR A 278 27.04 -31.40 -4.19
C THR A 278 26.56 -29.98 -4.42
N LEU A 279 25.73 -29.77 -5.44
CA LEU A 279 25.26 -28.45 -5.81
C LEU A 279 23.83 -28.21 -5.33
N THR A 280 22.93 -29.15 -5.60
CA THR A 280 21.53 -28.97 -5.23
C THR A 280 21.31 -28.75 -3.73
N PRO A 281 21.98 -29.45 -2.81
CA PRO A 281 21.77 -29.15 -1.39
C PRO A 281 22.15 -27.74 -0.99
N PHE A 282 23.03 -27.07 -1.74
CA PHE A 282 23.25 -25.65 -1.46
C PHE A 282 21.98 -24.84 -1.68
N PHE A 283 21.16 -25.25 -2.66
CA PHE A 283 19.96 -24.50 -2.94
C PHE A 283 18.79 -24.93 -2.05
N THR A 284 18.67 -26.22 -1.74
CA THR A 284 17.59 -26.65 -0.86
C THR A 284 17.83 -26.19 0.57
N ALA A 285 19.09 -26.00 0.96
CA ALA A 285 19.36 -25.35 2.24
C ALA A 285 18.61 -24.03 2.37
N GLN A 286 18.49 -23.30 1.27
CA GLN A 286 17.79 -22.02 1.35
C GLN A 286 16.28 -22.20 1.44
N SER A 287 15.70 -22.97 0.51
CA SER A 287 14.26 -23.23 0.56
C SER A 287 13.83 -23.79 1.91
N GLN A 288 14.60 -24.75 2.45
CA GLN A 288 14.24 -25.35 3.72
C GLN A 288 14.36 -24.34 4.86
N THR A 289 15.38 -23.48 4.81
CA THR A 289 15.47 -22.40 5.79
C THR A 289 14.29 -21.47 5.67
N TYR A 290 13.91 -21.14 4.44
CA TYR A 290 12.74 -20.28 4.24
C TYR A 290 11.48 -20.96 4.78
N PHE A 291 11.37 -22.28 4.60
CA PHE A 291 10.17 -22.97 5.07
C PHE A 291 10.05 -22.91 6.59
N GLN A 292 11.17 -23.02 7.30
CA GLN A 292 11.06 -23.03 8.77
C GLN A 292 10.80 -21.64 9.33
N THR A 293 11.43 -20.62 8.74
CA THR A 293 11.10 -19.25 9.13
C THR A 293 9.62 -18.95 8.87
N THR A 294 9.12 -19.35 7.70
CA THR A 294 7.71 -19.12 7.39
C THR A 294 6.80 -19.90 8.32
N ARG A 295 7.18 -21.15 8.64
CA ARG A 295 6.36 -21.97 9.52
C ARG A 295 6.18 -21.30 10.89
N GLY A 296 7.22 -20.65 11.40
CA GLY A 296 7.10 -20.03 12.72
C GLY A 296 6.02 -18.96 12.76
N ALA A 297 5.91 -18.16 11.71
CA ALA A 297 4.90 -17.13 11.68
C ALA A 297 3.52 -17.70 11.38
N ILE A 298 3.43 -18.70 10.49
CA ILE A 298 2.15 -19.36 10.24
C ILE A 298 1.64 -20.00 11.53
N ASP A 299 2.51 -20.73 12.22
CA ASP A 299 2.17 -21.34 13.49
C ASP A 299 1.60 -20.31 14.46
N ASP A 300 2.29 -19.18 14.63
CA ASP A 300 1.79 -18.17 15.57
C ASP A 300 0.40 -17.70 15.17
N LEU A 301 0.20 -17.40 13.88
CA LEU A 301 -1.10 -16.89 13.43
C LEU A 301 -2.21 -17.92 13.62
N PHE A 302 -2.03 -19.14 13.10
CA PHE A 302 -3.13 -20.10 13.10
C PHE A 302 -3.15 -20.98 14.35
N VAL A 303 -2.00 -21.51 14.73
CA VAL A 303 -1.97 -22.48 15.82
C VAL A 303 -2.07 -21.79 17.17
N TYR A 304 -1.18 -20.82 17.40
CA TYR A 304 -1.12 -20.16 18.70
C TYR A 304 -2.28 -19.22 18.92
N CYS A 305 -2.67 -18.48 17.88
CA CYS A 305 -3.67 -17.43 18.06
C CYS A 305 -5.06 -17.89 17.67
N LEU A 306 -5.31 -18.01 16.37
CA LEU A 306 -6.68 -18.14 15.89
C LEU A 306 -7.37 -19.40 16.42
N ALA A 307 -6.63 -20.50 16.54
CA ALA A 307 -7.18 -21.75 17.05
C ALA A 307 -7.45 -21.71 18.55
N ASN A 308 -6.92 -20.71 19.25
CA ASN A 308 -7.16 -20.54 20.68
C ASN A 308 -7.74 -19.18 21.02
N ASP A 309 -8.21 -18.44 20.03
CA ASP A 309 -8.86 -17.17 20.30
C ASP A 309 -9.95 -17.35 21.34
N SER A 310 -9.93 -16.51 22.38
CA SER A 310 -10.74 -16.74 23.56
C SER A 310 -12.22 -16.86 23.21
N GLU A 311 -12.66 -16.16 22.18
CA GLU A 311 -14.05 -16.24 21.78
C GLU A 311 -14.30 -17.06 20.53
N PHE A 312 -13.32 -17.24 19.64
CA PHE A 312 -13.58 -17.88 18.35
C PHE A 312 -12.73 -19.11 18.07
N GLY A 313 -12.00 -19.62 19.06
CA GLY A 313 -11.10 -20.74 18.80
C GLY A 313 -11.80 -21.95 18.21
N ALA A 314 -12.79 -22.49 18.92
CA ALA A 314 -13.57 -23.64 18.44
C ALA A 314 -14.25 -23.31 17.12
N HIS A 315 -14.80 -22.12 17.02
CA HIS A 315 -15.32 -21.65 15.74
C HIS A 315 -14.26 -21.75 14.66
N ASN A 316 -13.04 -21.27 14.95
CA ASN A 316 -12.00 -21.24 13.92
C ASN A 316 -11.50 -22.65 13.60
N ARG A 317 -11.36 -23.49 14.61
CA ARG A 317 -10.94 -24.87 14.35
C ARG A 317 -11.93 -25.62 13.47
N THR A 318 -13.22 -25.29 13.54
CA THR A 318 -14.19 -25.93 12.65
C THR A 318 -13.82 -25.69 11.19
N PHE A 319 -13.49 -24.45 10.85
CA PHE A 319 -13.07 -24.16 9.48
C PHE A 319 -11.69 -24.73 9.20
N LEU A 320 -10.75 -24.58 10.13
CA LEU A 320 -9.41 -25.14 9.95
C LEU A 320 -9.49 -26.66 9.76
N ASN A 321 -10.30 -27.34 10.56
CA ASN A 321 -10.42 -28.79 10.40
C ASN A 321 -11.06 -29.14 9.06
N ALA A 322 -12.05 -28.36 8.62
CA ALA A 322 -12.67 -28.61 7.32
C ALA A 322 -11.69 -28.37 6.18
N TRP A 323 -11.00 -27.24 6.21
CA TRP A 323 -10.00 -26.96 5.19
C TRP A 323 -8.97 -28.07 5.13
N THR A 324 -8.53 -28.53 6.31
CA THR A 324 -7.45 -29.50 6.37
C THR A 324 -7.86 -30.82 5.71
N GLU A 325 -9.06 -31.31 6.02
CA GLU A 325 -9.53 -32.56 5.43
C GLU A 325 -9.51 -32.47 3.91
N HIS A 326 -9.90 -31.32 3.36
CA HIS A 326 -9.98 -31.21 1.90
C HIS A 326 -8.60 -31.09 1.28
N TYR A 327 -7.79 -30.16 1.78
CA TYR A 327 -6.48 -29.93 1.18
C TYR A 327 -5.50 -31.05 1.53
N LEU A 328 -5.62 -31.68 2.70
CA LEU A 328 -4.80 -32.86 2.95
C LEU A 328 -5.13 -33.97 1.97
N ALA A 329 -6.41 -34.15 1.65
CA ALA A 329 -6.78 -35.18 0.69
C ALA A 329 -6.20 -34.86 -0.68
N SER A 330 -6.17 -33.57 -1.04
CA SER A 330 -5.53 -33.16 -2.29
C SER A 330 -4.02 -33.37 -2.25
N SER A 331 -3.38 -33.05 -1.13
CA SER A 331 -1.93 -33.21 -1.04
C SER A 331 -1.54 -34.67 -1.03
N VAL A 332 -2.37 -35.53 -0.44
CA VAL A 332 -2.09 -36.96 -0.45
C VAL A 332 -2.15 -37.51 -1.87
N ALA A 333 -3.17 -37.10 -2.62
CA ALA A 333 -3.23 -37.42 -4.03
C ALA A 333 -2.01 -36.88 -4.78
N ALA A 334 -1.60 -35.65 -4.47
CA ALA A 334 -0.41 -35.07 -5.09
C ALA A 334 0.84 -35.91 -4.82
N LEU A 335 0.94 -36.47 -3.61
CA LEU A 335 2.07 -37.31 -3.26
C LEU A 335 1.97 -38.69 -3.89
N LYS A 336 0.74 -39.22 -4.03
CA LYS A 336 0.57 -40.50 -4.70
C LYS A 336 0.97 -40.41 -6.17
N ASP A 337 0.63 -39.29 -6.83
CA ASP A 337 1.14 -39.08 -8.19
C ASP A 337 2.65 -38.98 -8.20
N PHE A 338 3.22 -38.35 -7.16
CA PHE A 338 4.62 -37.94 -7.23
C PHE A 338 5.58 -39.10 -6.98
N VAL A 339 5.20 -40.06 -6.13
CA VAL A 339 6.10 -41.16 -5.79
C VAL A 339 6.40 -42.07 -6.97
N GLY A 340 5.62 -41.97 -8.04
CA GLY A 340 5.98 -42.64 -9.28
C GLY A 340 7.32 -42.21 -9.83
N LEU A 341 7.83 -41.05 -9.42
CA LEU A 341 9.15 -40.61 -9.84
C LEU A 341 10.20 -41.62 -9.41
N TYR A 342 9.92 -42.35 -8.33
CA TYR A 342 10.86 -43.35 -7.85
C TYR A 342 11.03 -44.51 -8.82
N ALA A 343 10.13 -44.66 -9.78
CA ALA A 343 10.31 -45.66 -10.82
C ALA A 343 11.41 -45.25 -11.79
N LYS A 344 11.86 -44.00 -11.74
CA LYS A 344 12.83 -43.47 -12.70
C LYS A 344 14.21 -43.28 -12.10
N VAL A 345 14.43 -43.71 -10.85
CA VAL A 345 15.72 -43.54 -10.20
C VAL A 345 16.25 -44.90 -9.74
N GLU A 346 17.57 -44.95 -9.54
CA GLU A 346 18.23 -46.19 -9.13
C GLU A 346 17.79 -46.59 -7.72
N LYS A 347 17.40 -47.86 -7.56
CA LYS A 347 16.92 -48.36 -6.27
C LYS A 347 18.08 -48.44 -5.28
N VAL A 348 18.05 -47.59 -4.25
CA VAL A 348 19.06 -47.57 -3.20
C VAL A 348 18.36 -47.96 -1.90
N ALA A 349 18.88 -49.00 -1.25
CA ALA A 349 18.19 -49.57 -0.08
C ALA A 349 18.02 -48.50 1.00
N GLY A 350 16.87 -48.53 1.69
CA GLY A 350 16.55 -47.54 2.70
C GLY A 350 16.42 -46.13 2.20
N ALA A 351 16.32 -45.95 0.87
CA ALA A 351 16.23 -44.61 0.29
C ALA A 351 15.13 -44.56 -0.77
N THR A 352 15.29 -45.30 -1.86
CA THR A 352 14.29 -45.33 -2.91
C THR A 352 13.61 -46.68 -3.08
N ASP A 353 13.93 -47.68 -2.24
CA ASP A 353 13.07 -48.84 -2.16
C ASP A 353 11.79 -48.48 -1.39
N ARG A 354 10.83 -49.41 -1.39
CA ARG A 354 9.57 -49.17 -0.68
C ARG A 354 9.79 -48.85 0.79
N ALA A 355 10.80 -49.47 1.41
CA ALA A 355 11.07 -49.20 2.82
C ALA A 355 11.53 -47.76 3.03
N GLY A 356 12.39 -47.25 2.16
CA GLY A 356 12.90 -45.90 2.34
C GLY A 356 11.84 -44.83 2.09
N VAL A 357 11.04 -45.01 1.03
CA VAL A 357 9.99 -44.04 0.73
C VAL A 357 8.93 -44.08 1.82
N SER A 358 8.68 -45.27 2.36
CA SER A 358 7.72 -45.41 3.44
C SER A 358 8.18 -44.62 4.67
N GLU A 359 9.46 -44.71 5.01
CA GLU A 359 9.93 -44.03 6.20
C GLU A 359 10.13 -42.54 5.98
N ALA A 360 10.33 -42.10 4.74
CA ALA A 360 10.35 -40.66 4.45
C ALA A 360 8.97 -40.07 4.62
N LEU A 361 7.94 -40.76 4.10
CA LEU A 361 6.57 -40.31 4.30
C LEU A 361 6.19 -40.32 5.76
N GLN A 362 6.68 -41.31 6.52
CA GLN A 362 6.45 -41.33 7.96
C GLN A 362 7.09 -40.13 8.62
N ARG A 363 8.19 -39.63 8.06
CA ARG A 363 8.78 -38.40 8.57
C ARG A 363 7.90 -37.20 8.27
N VAL A 364 7.49 -37.04 7.01
CA VAL A 364 6.71 -35.88 6.61
C VAL A 364 5.36 -35.85 7.34
N PHE A 365 4.63 -36.96 7.30
CA PHE A 365 3.30 -36.98 7.91
C PHE A 365 3.38 -36.97 9.44
N GLY A 366 4.37 -37.68 10.01
CA GLY A 366 4.57 -37.61 11.45
C GLY A 366 4.91 -36.20 11.94
N ASP A 367 5.83 -35.52 11.23
CA ASP A 367 6.18 -34.15 11.63
C ASP A 367 4.98 -33.23 11.50
N TRP A 368 4.19 -33.41 10.44
CA TRP A 368 3.02 -32.57 10.23
C TRP A 368 2.00 -32.78 11.35
N LYS A 369 1.83 -34.02 11.81
CA LYS A 369 0.93 -34.31 12.92
C LYS A 369 1.37 -33.55 14.17
N ILE A 370 2.66 -33.57 14.46
CA ILE A 370 3.19 -32.89 15.64
C ILE A 370 3.17 -31.37 15.44
N ASP A 371 3.48 -30.91 14.22
CA ASP A 371 3.59 -29.47 14.01
C ASP A 371 2.22 -28.82 13.88
N TYR A 372 1.27 -29.48 13.22
CA TYR A 372 0.03 -28.84 12.84
C TYR A 372 -1.19 -29.58 13.38
N ALA A 373 -1.35 -30.86 13.05
CA ALA A 373 -2.64 -31.52 13.23
C ALA A 373 -3.01 -31.59 14.71
N ASP A 374 -2.07 -32.04 15.55
CA ASP A 374 -2.38 -32.22 16.96
C ASP A 374 -2.78 -30.90 17.62
N LYS A 375 -2.21 -29.80 17.17
CA LYS A 375 -2.44 -28.52 17.83
C LYS A 375 -3.73 -27.85 17.41
N ILE A 376 -4.39 -28.34 16.36
CA ILE A 376 -5.71 -27.83 15.98
C ILE A 376 -6.81 -28.84 16.27
N GLY A 377 -6.48 -29.98 16.89
CA GLY A 377 -7.45 -31.03 17.12
C GLY A 377 -7.84 -31.82 15.89
N PHE A 378 -7.00 -31.85 14.87
CA PHE A 378 -7.28 -32.63 13.67
C PHE A 378 -6.75 -34.04 13.86
N ARG A 379 -7.66 -35.01 13.88
CA ARG A 379 -7.30 -36.43 14.11
C ARG A 379 -6.86 -37.06 12.79
N VAL A 380 -5.72 -37.74 12.81
CA VAL A 380 -5.14 -38.26 11.58
C VAL A 380 -4.42 -39.56 11.91
N ASP A 381 -4.63 -40.57 11.07
CA ASP A 381 -3.90 -41.83 11.14
C ASP A 381 -2.74 -41.72 10.16
N VAL A 382 -1.55 -41.48 10.72
CA VAL A 382 -0.34 -41.36 9.90
C VAL A 382 -0.18 -42.57 8.98
N ASP A 383 -0.20 -43.77 9.57
CA ASP A 383 -0.03 -45.01 8.80
C ASP A 383 -0.99 -45.07 7.63
N GLN A 384 -2.27 -44.75 7.85
CA GLN A 384 -3.26 -44.79 6.79
C GLN A 384 -2.89 -43.84 5.65
N LYS A 385 -2.32 -42.68 5.98
CA LYS A 385 -1.87 -41.75 4.94
C LYS A 385 -0.62 -42.25 4.23
N VAL A 386 0.28 -42.93 4.94
CA VAL A 386 1.48 -43.46 4.28
C VAL A 386 1.10 -44.49 3.24
N ASP A 387 0.25 -45.45 3.62
CA ASP A 387 -0.15 -46.49 2.68
C ASP A 387 -1.01 -45.93 1.55
N ALA A 388 -1.76 -44.86 1.80
CA ALA A 388 -2.48 -44.19 0.72
C ALA A 388 -1.52 -43.67 -0.35
N VAL A 389 -0.39 -43.11 0.07
CA VAL A 389 0.56 -42.56 -0.88
C VAL A 389 1.34 -43.65 -1.58
N LEU A 390 1.81 -44.66 -0.83
CA LEU A 390 2.60 -45.74 -1.43
C LEU A 390 1.80 -46.50 -2.47
N ALA A 391 0.46 -46.44 -2.42
CA ALA A 391 -0.38 -47.02 -3.45
C ALA A 391 0.04 -46.63 -4.85
N GLY A 392 0.77 -45.52 -5.01
CA GLY A 392 1.27 -45.12 -6.29
C GLY A 392 2.74 -45.42 -6.53
N TYR A 393 3.41 -46.06 -5.58
CA TYR A 393 4.87 -46.27 -5.65
C TYR A 393 5.30 -47.07 -6.87
N ASP B 12 33.36 -35.63 -18.75
CA ASP B 12 33.44 -36.89 -18.02
C ASP B 12 33.66 -36.65 -16.52
N ALA B 13 34.23 -37.66 -15.84
CA ALA B 13 34.56 -37.56 -14.42
C ALA B 13 35.96 -37.01 -14.18
N LEU B 14 36.68 -36.64 -15.25
CA LEU B 14 37.99 -36.00 -15.14
C LEU B 14 38.08 -34.68 -15.90
N LYS B 15 37.23 -34.46 -16.92
CA LYS B 15 37.28 -33.27 -17.77
C LYS B 15 36.14 -32.33 -17.41
N VAL B 16 36.45 -31.03 -17.33
CA VAL B 16 35.43 -29.99 -17.17
C VAL B 16 36.13 -28.65 -17.31
N ASN B 17 35.36 -27.64 -17.71
CA ASN B 17 35.86 -26.26 -17.66
C ASN B 17 35.71 -25.71 -16.25
N ARG B 18 36.79 -25.16 -15.70
CA ARG B 18 36.82 -24.73 -14.32
C ARG B 18 36.95 -23.20 -14.18
N ALA B 19 36.47 -22.46 -15.18
CA ALA B 19 36.48 -21.01 -15.08
C ALA B 19 35.41 -20.54 -14.08
N PRO B 20 35.70 -19.47 -13.33
CA PRO B 20 34.76 -19.02 -12.29
C PRO B 20 33.56 -18.33 -12.92
N VAL B 21 32.38 -18.91 -12.76
CA VAL B 21 31.16 -18.30 -13.28
C VAL B 21 30.11 -18.25 -12.19
N GLY B 22 29.28 -17.21 -12.25
CA GLY B 22 28.08 -17.11 -11.45
C GLY B 22 26.87 -17.01 -12.37
N VAL B 23 25.77 -16.47 -11.87
CA VAL B 23 24.57 -16.25 -12.67
C VAL B 23 24.03 -14.88 -12.30
N GLU B 24 24.11 -13.93 -13.22
CA GLU B 24 23.75 -12.57 -12.89
C GLU B 24 22.23 -12.41 -12.84
N PRO B 25 21.74 -11.37 -12.17
CA PRO B 25 20.28 -11.25 -11.97
C PRO B 25 19.48 -11.23 -13.26
N GLN B 26 19.96 -10.51 -14.28
CA GLN B 26 19.19 -10.40 -15.51
C GLN B 26 19.14 -11.71 -16.31
N GLU B 27 20.08 -12.64 -16.05
CA GLU B 27 20.00 -13.95 -16.68
C GLU B 27 18.78 -14.73 -16.19
N VAL B 28 18.49 -14.68 -14.89
CA VAL B 28 17.31 -15.36 -14.37
C VAL B 28 16.04 -14.62 -14.82
N HIS B 29 16.08 -13.29 -14.82
CA HIS B 29 14.89 -12.51 -15.13
C HIS B 29 14.38 -12.80 -16.54
N LYS B 30 15.26 -13.23 -17.45
CA LYS B 30 14.85 -13.55 -18.81
C LYS B 30 13.83 -14.68 -18.85
N TRP B 31 13.91 -15.61 -17.91
CA TRP B 31 13.05 -16.77 -17.89
C TRP B 31 11.78 -16.56 -17.08
N LEU B 32 11.58 -15.35 -16.55
CA LEU B 32 10.46 -15.09 -15.65
C LEU B 32 9.12 -15.18 -16.36
N GLN B 33 9.02 -14.62 -17.57
CA GLN B 33 7.76 -14.66 -18.30
C GLN B 33 7.22 -16.07 -18.46
N SER B 34 8.11 -17.06 -18.56
CA SER B 34 7.70 -18.46 -18.72
C SER B 34 7.29 -19.12 -17.42
N PHE B 35 7.30 -18.40 -16.29
CA PHE B 35 6.87 -19.00 -15.03
C PHE B 35 5.36 -19.15 -14.93
N ASN B 36 4.60 -18.29 -15.58
CA ASN B 36 3.16 -18.49 -15.60
C ASN B 36 2.81 -19.60 -16.59
N TRP B 37 1.73 -20.31 -16.29
CA TRP B 37 1.21 -21.34 -17.18
C TRP B 37 -0.30 -21.15 -17.29
N ASP B 38 -0.88 -21.74 -18.32
CA ASP B 38 -2.28 -21.49 -18.62
C ASP B 38 -3.18 -22.55 -18.01
N PHE B 39 -4.25 -22.08 -17.36
CA PHE B 39 -5.41 -22.87 -16.98
C PHE B 39 -6.60 -21.93 -16.95
N LYS B 40 -7.80 -22.49 -17.13
CA LYS B 40 -8.96 -21.62 -17.40
C LYS B 40 -9.34 -20.78 -16.19
N GLU B 41 -8.98 -21.22 -14.97
CA GLU B 41 -9.25 -20.44 -13.77
C GLU B 41 -8.23 -19.33 -13.53
N ASN B 42 -7.20 -19.20 -14.37
CA ASN B 42 -6.11 -18.25 -14.12
C ASN B 42 -6.53 -16.87 -14.60
N ARG B 43 -7.17 -16.13 -13.70
CA ARG B 43 -7.72 -14.82 -14.02
C ARG B 43 -7.86 -14.07 -12.70
N THR B 44 -7.77 -12.74 -12.75
CA THR B 44 -7.77 -11.99 -11.51
C THR B 44 -9.11 -12.12 -10.79
N LYS B 45 -9.04 -12.07 -9.45
CA LYS B 45 -10.19 -12.15 -8.58
C LYS B 45 -10.88 -10.81 -8.37
N TYR B 46 -10.35 -9.73 -8.96
CA TYR B 46 -10.88 -8.44 -8.61
C TYR B 46 -11.68 -7.84 -9.75
N PRO B 47 -12.76 -7.11 -9.43
CA PRO B 47 -13.58 -6.52 -10.48
C PRO B 47 -12.81 -5.46 -11.23
N THR B 48 -12.92 -5.49 -12.55
CA THR B 48 -12.23 -4.56 -13.43
C THR B 48 -12.94 -4.55 -14.77
N LYS B 49 -12.91 -3.38 -15.44
CA LYS B 49 -13.39 -3.20 -16.80
C LYS B 49 -12.31 -3.45 -17.86
N TYR B 50 -11.08 -3.70 -17.44
CA TYR B 50 -9.96 -3.82 -18.35
C TYR B 50 -9.43 -5.24 -18.35
N HIS B 51 -8.60 -5.52 -19.36
CA HIS B 51 -7.89 -6.78 -19.47
C HIS B 51 -6.43 -6.45 -19.72
N MET B 52 -5.56 -6.93 -18.83
CA MET B 52 -4.15 -6.63 -18.89
C MET B 52 -3.45 -7.63 -19.80
N ALA B 53 -2.75 -7.11 -20.82
CA ALA B 53 -2.15 -7.96 -21.84
C ALA B 53 -1.14 -8.92 -21.22
N ASN B 54 -1.16 -10.18 -21.67
CA ASN B 54 -0.28 -11.20 -21.12
C ASN B 54 1.20 -11.03 -21.54
N GLU B 55 1.51 -10.14 -22.49
CA GLU B 55 2.86 -10.02 -23.02
C GLU B 55 3.64 -8.84 -22.45
N THR B 56 3.12 -8.18 -21.41
CA THR B 56 3.77 -6.97 -20.91
C THR B 56 5.07 -7.27 -20.19
N LYS B 57 6.07 -6.44 -20.44
CA LYS B 57 7.39 -6.59 -19.83
C LYS B 57 7.60 -5.45 -18.86
N GLU B 58 8.50 -5.66 -17.90
CA GLU B 58 8.77 -4.66 -16.88
C GLU B 58 10.11 -3.98 -17.12
N GLN B 59 10.17 -2.70 -16.72
CA GLN B 59 11.31 -1.85 -17.02
C GLN B 59 12.52 -2.14 -16.12
N PHE B 60 12.31 -2.64 -14.91
CA PHE B 60 13.40 -2.89 -13.98
C PHE B 60 13.52 -4.39 -13.77
N LYS B 61 14.64 -4.95 -14.22
CA LYS B 61 14.82 -6.39 -14.16
C LYS B 61 15.31 -6.74 -12.77
N VAL B 62 14.38 -7.15 -11.93
CA VAL B 62 14.64 -7.38 -10.51
C VAL B 62 14.19 -8.79 -10.18
N ILE B 63 15.07 -9.56 -9.54
CA ILE B 63 14.72 -10.85 -8.95
C ILE B 63 14.81 -10.70 -7.43
N ALA B 64 14.27 -11.68 -6.71
CA ALA B 64 14.14 -11.57 -5.26
C ALA B 64 15.49 -11.35 -4.59
N LYS B 65 16.50 -12.17 -4.93
CA LYS B 65 17.82 -12.05 -4.31
C LYS B 65 18.40 -10.64 -4.55
N GLU B 66 18.34 -10.15 -5.78
CA GLU B 66 18.94 -8.85 -6.05
C GLU B 66 18.12 -7.71 -5.46
N TYR B 67 16.79 -7.86 -5.41
CA TYR B 67 15.95 -6.93 -4.67
C TYR B 67 16.49 -6.71 -3.26
N ALA B 68 16.74 -7.80 -2.54
CA ALA B 68 17.17 -7.68 -1.15
C ALA B 68 18.55 -7.04 -1.04
N ARG B 69 19.47 -7.43 -1.93
CA ARG B 69 20.81 -6.85 -1.92
C ARG B 69 20.76 -5.35 -2.13
N MET B 70 19.98 -4.91 -3.12
CA MET B 70 19.88 -3.48 -3.43
C MET B 70 19.26 -2.70 -2.26
N GLU B 71 18.17 -3.22 -1.67
CA GLU B 71 17.48 -2.48 -0.61
C GLU B 71 18.27 -2.49 0.69
N ALA B 72 18.93 -3.60 1.01
CA ALA B 72 19.72 -3.63 2.25
C ALA B 72 20.89 -2.65 2.18
N ALA B 73 21.47 -2.43 0.99
CA ALA B 73 22.56 -1.46 0.88
C ALA B 73 22.05 -0.04 1.08
N LYS B 74 20.85 0.27 0.58
CA LYS B 74 20.23 1.55 0.89
C LYS B 74 20.06 1.71 2.39
N ASP B 75 19.61 0.65 3.07
CA ASP B 75 19.31 0.69 4.49
C ASP B 75 20.56 0.95 5.32
N GLU B 76 21.62 0.18 5.07
CA GLU B 76 22.83 0.31 5.86
C GLU B 76 23.32 1.75 5.87
N ARG B 77 23.27 2.42 4.71
CA ARG B 77 23.78 3.78 4.63
C ARG B 77 22.86 4.73 5.35
N GLN B 78 21.56 4.56 5.12
CA GLN B 78 20.56 5.41 5.78
C GLN B 78 20.63 5.27 7.30
N PHE B 79 20.69 4.03 7.80
CA PHE B 79 20.69 3.82 9.25
C PHE B 79 22.03 4.21 9.86
N GLY B 80 23.11 4.13 9.10
CA GLY B 80 24.38 4.64 9.58
C GLY B 80 24.35 6.15 9.77
N THR B 81 23.86 6.87 8.76
CA THR B 81 23.72 8.32 8.89
C THR B 81 22.88 8.68 10.11
N LEU B 82 21.74 8.00 10.28
CA LEU B 82 20.80 8.30 11.37
C LEU B 82 21.35 7.88 12.74
N LEU B 83 21.73 6.61 12.88
CA LEU B 83 22.00 6.08 14.21
C LEU B 83 23.41 6.39 14.69
N ASP B 84 24.33 6.69 13.79
CA ASP B 84 25.71 7.02 14.12
C ASP B 84 25.88 8.52 13.98
N GLY B 85 26.03 9.00 12.75
CA GLY B 85 26.37 10.39 12.48
C GLY B 85 25.44 11.47 13.00
N LEU B 86 24.19 11.45 12.58
CA LEU B 86 23.26 12.51 12.99
C LEU B 86 22.97 12.45 14.49
N THR B 87 22.97 11.25 15.08
CA THR B 87 22.77 11.19 16.52
C THR B 87 23.94 11.81 17.26
N ARG B 88 25.16 11.44 16.87
CA ARG B 88 26.35 12.05 17.46
C ARG B 88 26.30 13.56 17.31
N LEU B 89 25.77 14.06 16.19
CA LEU B 89 25.67 15.49 15.99
C LEU B 89 24.52 16.13 16.78
N GLY B 90 23.68 15.34 17.44
CA GLY B 90 22.48 15.88 18.07
C GLY B 90 21.49 16.49 17.09
N ALA B 91 21.43 15.97 15.86
CA ALA B 91 20.61 16.59 14.82
C ALA B 91 19.12 16.60 15.17
N GLY B 92 18.67 15.63 15.99
CA GLY B 92 17.25 15.46 16.20
C GLY B 92 16.57 16.64 16.86
N ASN B 93 17.34 17.45 17.60
CA ASN B 93 16.76 18.59 18.29
C ASN B 93 17.25 19.91 17.72
N LYS B 94 17.75 19.91 16.49
CA LYS B 94 18.19 21.13 15.85
C LYS B 94 17.25 21.54 14.72
N VAL B 95 16.03 21.06 14.76
CA VAL B 95 14.99 21.36 13.81
C VAL B 95 14.18 22.53 14.34
N HIS B 96 13.81 23.44 13.46
CA HIS B 96 12.90 24.48 13.88
C HIS B 96 11.62 23.85 14.42
N PRO B 97 11.11 24.32 15.56
CA PRO B 97 9.87 23.75 16.12
C PRO B 97 8.72 23.58 15.12
N ARG B 98 8.45 24.58 14.26
CA ARG B 98 7.31 24.47 13.35
C ARG B 98 7.45 23.26 12.45
N TRP B 99 8.68 23.00 11.98
CA TRP B 99 8.91 21.90 11.06
C TRP B 99 8.96 20.55 11.77
N GLY B 100 9.53 20.52 12.97
CA GLY B 100 9.48 19.29 13.75
C GLY B 100 8.06 18.89 14.08
N GLU B 101 7.18 19.88 14.26
CA GLU B 101 5.77 19.58 14.43
C GLU B 101 5.15 19.10 13.12
N THR B 102 5.46 19.77 12.01
CA THR B 102 4.91 19.39 10.71
C THR B 102 5.23 17.95 10.36
N MET B 103 6.42 17.47 10.76
CA MET B 103 6.80 16.11 10.44
C MET B 103 6.02 15.07 11.23
N LYS B 104 5.38 15.47 12.34
CA LYS B 104 4.41 14.58 12.97
C LYS B 104 3.34 14.19 11.97
N VAL B 105 2.83 15.17 11.25
CA VAL B 105 1.77 14.92 10.28
C VAL B 105 2.33 14.28 9.02
N ILE B 106 3.36 14.87 8.42
CA ILE B 106 3.78 14.43 7.09
C ILE B 106 4.17 12.96 7.10
N SER B 107 4.95 12.53 8.11
CA SER B 107 5.51 11.19 8.06
C SER B 107 4.48 10.15 8.50
N ASN B 108 3.63 10.47 9.48
CA ASN B 108 2.60 9.50 9.83
C ASN B 108 1.48 9.47 8.79
N PHE B 109 1.10 10.62 8.23
CA PHE B 109 0.10 10.59 7.19
C PHE B 109 0.63 9.84 5.97
N LEU B 110 1.87 10.12 5.55
CA LEU B 110 2.45 9.36 4.46
C LEU B 110 2.53 7.87 4.80
N GLU B 111 2.67 7.55 6.09
CA GLU B 111 2.78 6.15 6.51
C GLU B 111 1.58 5.33 6.06
N VAL B 112 0.37 5.88 6.19
CA VAL B 112 -0.81 5.12 5.75
C VAL B 112 -0.78 4.95 4.25
N GLY B 113 -0.28 5.95 3.52
CA GLY B 113 -0.13 5.81 2.07
C GLY B 113 0.78 4.65 1.72
N GLU B 114 1.91 4.57 2.40
CA GLU B 114 2.87 3.46 2.20
C GLU B 114 2.18 2.15 2.56
N TYR B 115 1.48 2.12 3.67
CA TYR B 115 0.86 0.88 4.11
C TYR B 115 -0.19 0.41 3.12
N ASN B 116 -1.14 1.27 2.78
CA ASN B 116 -2.20 0.83 1.88
C ASN B 116 -1.66 0.50 0.49
N ALA B 117 -0.57 1.14 0.07
CA ALA B 117 0.00 0.82 -1.24
C ALA B 117 0.54 -0.61 -1.27
N ILE B 118 0.88 -1.19 -0.11
CA ILE B 118 1.18 -2.62 -0.05
C ILE B 118 0.01 -3.41 -0.59
N ALA B 119 -1.18 -3.14 -0.04
CA ALA B 119 -2.38 -3.86 -0.45
C ALA B 119 -2.78 -3.52 -1.89
N ALA B 120 -2.67 -2.25 -2.27
CA ALA B 120 -3.02 -1.87 -3.64
C ALA B 120 -2.14 -2.60 -4.66
N SER B 121 -0.83 -2.62 -4.42
CA SER B 121 0.10 -3.28 -5.33
C SER B 121 -0.13 -4.78 -5.39
N ALA B 122 -0.52 -5.39 -4.27
CA ALA B 122 -0.86 -6.80 -4.32
C ALA B 122 -2.11 -7.05 -5.17
N MET B 123 -3.07 -6.13 -5.11
CA MET B 123 -4.25 -6.21 -5.96
C MET B 123 -3.87 -6.12 -7.43
N LEU B 124 -2.94 -5.21 -7.74
CA LEU B 124 -2.46 -5.08 -9.12
C LEU B 124 -1.65 -6.30 -9.54
N TRP B 125 -0.84 -6.84 -8.62
CA TRP B 125 -0.13 -8.09 -8.90
C TRP B 125 -1.13 -9.19 -9.25
N ASP B 126 -2.29 -9.17 -8.60
CA ASP B 126 -3.36 -10.11 -8.91
C ASP B 126 -3.97 -9.82 -10.28
N SER B 127 -4.16 -8.54 -10.60
CA SER B 127 -4.81 -8.15 -11.86
C SER B 127 -3.99 -8.55 -13.07
N ALA B 128 -2.67 -8.42 -12.98
CA ALA B 128 -1.83 -8.65 -14.14
C ALA B 128 -1.78 -10.13 -14.48
N THR B 129 -1.65 -10.41 -15.77
CA THR B 129 -1.46 -11.76 -16.24
C THR B 129 -0.02 -12.06 -16.60
N ALA B 130 0.76 -11.04 -16.95
CA ALA B 130 2.15 -11.22 -17.34
C ALA B 130 3.04 -11.40 -16.11
N ALA B 131 3.84 -12.47 -16.11
CA ALA B 131 4.70 -12.75 -14.96
C ALA B 131 5.62 -11.57 -14.66
N GLU B 132 6.07 -10.87 -15.71
CA GLU B 132 6.94 -9.72 -15.48
C GLU B 132 6.17 -8.57 -14.86
N GLN B 133 4.95 -8.31 -15.33
CA GLN B 133 4.15 -7.25 -14.73
C GLN B 133 3.81 -7.59 -13.29
N LYS B 134 3.42 -8.84 -13.01
CA LYS B 134 3.27 -9.29 -11.65
C LYS B 134 4.51 -8.98 -10.83
N ASN B 135 5.68 -9.26 -11.39
CA ASN B 135 6.93 -9.04 -10.68
C ASN B 135 7.14 -7.57 -10.39
N GLY B 136 6.81 -6.71 -11.35
CA GLY B 136 6.89 -5.27 -11.11
C GLY B 136 6.02 -4.83 -9.95
N TYR B 137 4.78 -5.33 -9.88
CA TYR B 137 3.91 -5.03 -8.76
C TYR B 137 4.41 -5.68 -7.47
N LEU B 138 4.93 -6.91 -7.56
CA LEU B 138 5.44 -7.59 -6.39
C LEU B 138 6.56 -6.80 -5.73
N ALA B 139 7.49 -6.26 -6.54
CA ALA B 139 8.58 -5.46 -5.98
C ALA B 139 8.03 -4.23 -5.25
N GLN B 140 6.95 -3.65 -5.77
CA GLN B 140 6.32 -2.51 -5.08
C GLN B 140 5.71 -2.93 -3.76
N VAL B 141 5.08 -4.11 -3.70
CA VAL B 141 4.52 -4.58 -2.43
C VAL B 141 5.59 -4.58 -1.35
N LEU B 142 6.76 -5.14 -1.66
CA LEU B 142 7.84 -5.16 -0.68
C LEU B 142 8.36 -3.76 -0.37
N ASP B 143 8.48 -2.90 -1.39
CA ASP B 143 8.94 -1.53 -1.17
C ASP B 143 8.02 -0.76 -0.25
N GLU B 144 6.71 -0.96 -0.40
CA GLU B 144 5.77 -0.22 0.43
C GLU B 144 5.79 -0.71 1.87
N ILE B 145 6.19 -1.95 2.11
CA ILE B 145 6.47 -2.35 3.48
C ILE B 145 7.68 -1.58 3.98
N ARG B 146 8.75 -1.54 3.17
CA ARG B 146 9.96 -0.78 3.52
C ARG B 146 9.59 0.64 3.94
N HIS B 147 8.73 1.28 3.15
CA HIS B 147 8.43 2.69 3.38
C HIS B 147 7.55 2.90 4.60
N THR B 148 6.62 1.96 4.88
CA THR B 148 5.88 2.02 6.14
C THR B 148 6.83 2.10 7.31
N HIS B 149 7.77 1.17 7.35
CA HIS B 149 8.78 1.15 8.40
C HIS B 149 9.66 2.39 8.36
N GLN B 150 9.89 2.96 7.17
CA GLN B 150 10.73 4.16 7.12
C GLN B 150 10.01 5.36 7.71
N CYS B 151 8.75 5.57 7.32
CA CYS B 151 7.93 6.61 7.93
C CYS B 151 7.84 6.41 9.44
N ALA B 152 7.58 5.18 9.87
CA ALA B 152 7.56 4.89 11.29
C ALA B 152 8.90 5.23 11.94
N PHE B 153 10.00 4.88 11.27
CA PHE B 153 11.32 5.12 11.84
C PHE B 153 11.58 6.62 12.03
N ILE B 154 11.10 7.46 11.11
CA ILE B 154 11.25 8.92 11.29
C ILE B 154 10.57 9.38 12.58
N ASN B 155 9.32 8.98 12.79
CA ASN B 155 8.62 9.42 14.00
C ASN B 155 9.22 8.74 15.23
N HIS B 156 9.66 7.49 15.05
CA HIS B 156 10.37 6.77 16.11
C HIS B 156 11.65 7.51 16.48
N TYR B 157 12.45 7.89 15.48
CA TYR B 157 13.65 8.69 15.74
C TYR B 157 13.31 10.02 16.43
N TYR B 158 12.37 10.77 15.87
CA TYR B 158 11.94 12.03 16.48
C TYR B 158 11.48 11.84 17.94
N SER B 159 10.74 10.76 18.21
CA SER B 159 10.28 10.47 19.57
C SER B 159 11.44 10.46 20.55
N LYS B 160 12.55 9.84 20.14
CA LYS B 160 13.74 9.69 20.98
C LYS B 160 14.55 10.98 21.13
N HIS B 161 14.59 11.86 20.12
CA HIS B 161 15.61 12.89 20.08
C HIS B 161 15.10 14.32 19.94
N TYR B 162 13.84 14.52 19.60
CA TYR B 162 13.27 15.84 19.41
C TYR B 162 12.60 16.30 20.72
N HIS B 163 12.54 17.61 20.91
CA HIS B 163 12.11 18.13 22.20
C HIS B 163 10.62 17.91 22.49
N ASP B 164 9.81 17.60 21.49
CA ASP B 164 8.40 17.28 21.73
C ASP B 164 8.05 15.92 21.13
N PRO B 165 8.21 14.84 21.89
CA PRO B 165 7.86 13.52 21.37
C PRO B 165 6.36 13.29 21.23
N ALA B 166 5.50 14.07 21.91
CA ALA B 166 4.06 13.82 21.89
C ALA B 166 3.53 13.96 20.47
N GLY B 167 2.77 12.98 20.01
CA GLY B 167 2.29 13.03 18.64
C GLY B 167 3.21 12.36 17.63
N HIS B 168 4.53 12.58 17.76
CA HIS B 168 5.47 11.69 17.09
C HIS B 168 5.33 10.27 17.61
N ASN B 169 4.91 10.13 18.87
CA ASN B 169 4.98 8.84 19.54
C ASN B 169 3.67 8.09 19.55
N ASP B 170 2.56 8.68 19.08
CA ASP B 170 1.28 7.98 19.22
C ASP B 170 0.28 8.32 18.11
N ALA B 171 0.76 8.75 16.94
CA ALA B 171 -0.13 9.25 15.90
C ALA B 171 -1.01 8.14 15.29
N ARG B 172 -0.59 6.87 15.35
CA ARG B 172 -1.46 5.84 14.82
C ARG B 172 -2.79 5.74 15.56
N ARG B 173 -2.90 6.34 16.73
CA ARG B 173 -4.22 6.49 17.30
C ARG B 173 -4.65 7.94 17.47
N THR B 174 -3.72 8.88 17.70
CA THR B 174 -4.18 10.26 17.88
C THR B 174 -4.58 10.94 16.56
N ARG B 175 -4.25 10.36 15.40
CA ARG B 175 -4.75 10.94 14.17
C ARG B 175 -6.27 10.75 14.00
N ALA B 176 -6.86 9.78 14.72
CA ALA B 176 -8.28 9.48 14.60
C ALA B 176 -9.18 10.61 15.10
N ILE B 177 -8.65 11.58 15.85
CA ILE B 177 -9.49 12.63 16.42
C ILE B 177 -9.91 13.66 15.37
N GLY B 178 -9.02 14.02 14.44
CA GLY B 178 -9.21 15.22 13.65
C GLY B 178 -9.67 15.02 12.22
N PRO B 179 -10.18 16.11 11.60
CA PRO B 179 -10.76 15.99 10.24
C PRO B 179 -9.76 15.90 9.08
N LEU B 180 -8.52 16.36 9.26
CA LEU B 180 -7.54 16.28 8.17
C LEU B 180 -7.15 14.85 7.87
N TRP B 181 -7.21 13.99 8.89
CA TRP B 181 -6.87 12.59 8.69
C TRP B 181 -7.86 11.91 7.75
N LYS B 182 -9.14 12.31 7.81
CA LYS B 182 -10.15 11.65 6.98
C LYS B 182 -9.83 11.83 5.49
N GLY B 183 -9.45 13.05 5.09
CA GLY B 183 -9.09 13.27 3.70
C GLY B 183 -7.84 12.52 3.28
N MET B 184 -6.88 12.38 4.19
CA MET B 184 -5.71 11.56 3.89
C MET B 184 -6.12 10.11 3.62
N LYS B 185 -7.12 9.61 4.34
CA LYS B 185 -7.54 8.22 4.15
C LYS B 185 -8.17 8.00 2.78
N ARG B 186 -8.79 9.04 2.20
CA ARG B 186 -9.34 8.91 0.86
C ARG B 186 -8.24 8.80 -0.19
N VAL B 187 -7.33 9.75 -0.22
CA VAL B 187 -6.37 9.79 -1.32
C VAL B 187 -5.33 8.69 -1.19
N PHE B 188 -4.86 8.42 0.03
CA PHE B 188 -3.72 7.51 0.22
C PHE B 188 -4.07 6.24 0.99
N ALA B 189 -5.34 5.94 1.19
CA ALA B 189 -5.69 4.64 1.73
C ALA B 189 -6.77 4.02 0.85
N ASP B 190 -8.02 4.47 1.00
CA ASP B 190 -9.12 3.86 0.27
C ASP B 190 -9.03 4.12 -1.23
N GLY B 191 -8.56 5.31 -1.63
CA GLY B 191 -8.38 5.56 -3.04
C GLY B 191 -7.41 4.58 -3.69
N PHE B 192 -6.51 4.01 -2.88
CA PHE B 192 -5.57 3.04 -3.41
C PHE B 192 -6.19 1.66 -3.60
N ILE B 193 -7.20 1.28 -2.81
CA ILE B 193 -7.51 -0.15 -2.74
C ILE B 193 -8.97 -0.49 -3.02
N SER B 194 -9.84 0.51 -3.10
CA SER B 194 -11.27 0.26 -3.29
C SER B 194 -11.75 0.81 -4.61
N GLY B 195 -11.82 -0.06 -5.61
CA GLY B 195 -12.31 0.33 -6.91
C GLY B 195 -11.81 -0.64 -7.96
N ASP B 196 -12.06 -0.27 -9.22
CA ASP B 196 -11.40 -0.94 -10.33
C ASP B 196 -9.89 -0.92 -10.10
N ALA B 197 -9.26 -2.09 -10.25
CA ALA B 197 -7.81 -2.15 -10.11
C ALA B 197 -7.13 -1.05 -10.89
N VAL B 198 -7.61 -0.78 -12.11
CA VAL B 198 -6.99 0.24 -12.94
C VAL B 198 -7.24 1.63 -12.35
N GLU B 199 -8.45 1.89 -11.87
CA GLU B 199 -8.70 3.15 -11.17
C GLU B 199 -7.79 3.29 -9.95
N CYS B 200 -7.65 2.22 -9.18
CA CYS B 200 -6.76 2.26 -8.03
C CYS B 200 -5.34 2.56 -8.47
N SER B 201 -4.92 1.97 -9.59
CA SER B 201 -3.56 2.11 -10.07
C SER B 201 -3.27 3.53 -10.55
N VAL B 202 -4.21 4.15 -11.27
CA VAL B 202 -3.97 5.52 -11.66
CA VAL B 202 -4.03 5.53 -11.67
C VAL B 202 -4.02 6.44 -10.44
N ASN B 203 -4.88 6.13 -9.46
CA ASN B 203 -4.83 6.84 -8.20
C ASN B 203 -3.45 6.70 -7.54
N LEU B 204 -2.96 5.47 -7.46
CA LEU B 204 -1.75 5.16 -6.70
C LEU B 204 -0.48 5.54 -7.48
N GLN B 205 -0.34 5.00 -8.69
CA GLN B 205 0.93 5.03 -9.40
C GLN B 205 1.01 6.18 -10.38
N LEU B 206 0.05 6.28 -11.30
CA LEU B 206 0.16 7.30 -12.33
C LEU B 206 -0.01 8.70 -11.76
N VAL B 207 -0.86 8.88 -10.75
CA VAL B 207 -1.06 10.21 -10.19
C VAL B 207 -0.36 10.33 -8.84
N GLY B 208 -0.84 9.56 -7.84
CA GLY B 208 -0.28 9.68 -6.50
C GLY B 208 1.24 9.61 -6.48
N GLU B 209 1.79 8.59 -7.11
CA GLU B 209 3.25 8.35 -7.09
C GLU B 209 3.97 9.16 -8.17
N ALA B 210 3.64 8.92 -9.43
CA ALA B 210 4.40 9.57 -10.51
C ALA B 210 4.25 11.09 -10.47
N CYS B 211 3.18 11.60 -9.87
CA CYS B 211 2.94 13.03 -9.84
C CYS B 211 3.16 13.62 -8.46
N PHE B 212 2.45 13.12 -7.43
CA PHE B 212 2.42 13.87 -6.18
C PHE B 212 3.49 13.46 -5.19
N THR B 213 4.08 12.28 -5.30
CA THR B 213 5.16 11.99 -4.35
C THR B 213 6.41 12.82 -4.65
N ASN B 214 6.57 13.34 -5.86
CA ASN B 214 7.66 14.30 -6.08
C ASN B 214 7.55 15.48 -5.14
N PRO B 215 6.45 16.24 -5.09
CA PRO B 215 6.38 17.31 -4.08
C PRO B 215 6.40 16.78 -2.66
N LEU B 216 5.69 15.68 -2.42
CA LEU B 216 5.46 15.22 -1.05
C LEU B 216 6.74 14.67 -0.43
N ILE B 217 7.54 13.94 -1.20
CA ILE B 217 8.66 13.19 -0.66
C ILE B 217 10.00 13.76 -1.13
N VAL B 218 10.10 14.18 -2.38
CA VAL B 218 11.37 14.75 -2.87
C VAL B 218 11.48 16.22 -2.50
N ALA B 219 10.55 17.04 -3.01
CA ALA B 219 10.64 18.49 -2.84
C ALA B 219 10.62 18.90 -1.38
N VAL B 220 9.92 18.14 -0.53
CA VAL B 220 9.85 18.47 0.90
C VAL B 220 11.23 18.44 1.55
N THR B 221 12.14 17.58 1.08
CA THR B 221 13.45 17.47 1.72
C THR B 221 14.21 18.80 1.70
N GLU B 222 14.01 19.62 0.67
CA GLU B 222 14.66 20.93 0.67
C GLU B 222 14.06 21.83 1.75
N TRP B 223 12.74 21.71 1.97
CA TRP B 223 12.11 22.45 3.05
C TRP B 223 12.58 21.94 4.40
N ALA B 224 12.69 20.63 4.54
CA ALA B 224 13.23 20.04 5.76
C ALA B 224 14.61 20.59 6.06
N SER B 225 15.51 20.53 5.08
CA SER B 225 16.88 21.01 5.27
C SER B 225 16.90 22.48 5.63
N ALA B 226 16.09 23.28 4.93
CA ALA B 226 16.04 24.72 5.24
C ALA B 226 15.64 24.97 6.67
N ASN B 227 14.88 24.06 7.28
CA ASN B 227 14.40 24.26 8.63
C ASN B 227 15.17 23.43 9.66
N GLY B 228 16.34 22.91 9.28
CA GLY B 228 17.21 22.22 10.20
C GLY B 228 17.10 20.72 10.22
N ASP B 229 16.24 20.14 9.37
CA ASP B 229 15.89 18.72 9.48
C ASP B 229 16.69 17.96 8.42
N GLU B 230 17.70 17.24 8.87
CA GLU B 230 18.46 16.33 8.01
C GLU B 230 18.09 14.87 8.23
N ILE B 231 17.13 14.60 9.13
CA ILE B 231 16.61 13.25 9.29
C ILE B 231 15.73 12.88 8.11
N THR B 232 14.77 13.75 7.79
CA THR B 232 13.81 13.47 6.73
C THR B 232 14.48 13.30 5.37
N PRO B 233 15.41 14.18 4.94
CA PRO B 233 16.13 13.93 3.68
C PRO B 233 16.80 12.57 3.60
N THR B 234 17.52 12.18 4.66
CA THR B 234 18.19 10.88 4.72
C THR B 234 17.24 9.73 4.38
N VAL B 235 16.00 9.82 4.87
CA VAL B 235 15.02 8.73 4.72
C VAL B 235 14.16 8.92 3.48
N PHE B 236 13.54 10.10 3.34
CA PHE B 236 12.61 10.34 2.22
C PHE B 236 13.30 10.19 0.88
N LEU B 237 14.54 10.69 0.77
CA LEU B 237 15.26 10.49 -0.48
C LEU B 237 15.50 9.02 -0.77
N SER B 238 15.72 8.21 0.27
CA SER B 238 15.84 6.76 0.04
C SER B 238 14.49 6.15 -0.32
N VAL B 239 13.42 6.62 0.32
CA VAL B 239 12.07 6.20 -0.04
C VAL B 239 11.85 6.35 -1.53
N GLU B 240 12.15 7.53 -2.06
CA GLU B 240 11.78 7.80 -3.45
C GLU B 240 12.59 6.98 -4.45
N THR B 241 13.81 6.51 -4.09
CA THR B 241 14.53 5.59 -4.97
C THR B 241 13.69 4.36 -5.30
N ASP B 242 12.85 3.91 -4.37
CA ASP B 242 11.93 2.83 -4.74
C ASP B 242 10.74 3.36 -5.50
N GLU B 243 10.31 4.57 -5.15
CA GLU B 243 9.10 5.23 -5.72
C GLU B 243 9.16 5.29 -7.25
N LEU B 244 10.34 5.51 -7.83
CA LEU B 244 10.45 5.64 -9.28
C LEU B 244 10.16 4.32 -9.97
N ARG B 245 10.49 3.18 -9.32
CA ARG B 245 10.12 1.90 -9.91
C ARG B 245 8.60 1.69 -9.89
N HIS B 246 7.92 2.38 -8.98
CA HIS B 246 6.43 2.35 -8.86
C HIS B 246 5.84 3.21 -9.98
N MET B 247 6.44 4.36 -10.24
CA MET B 247 6.06 5.16 -11.39
C MET B 247 6.08 4.32 -12.66
N ALA B 248 7.13 3.51 -12.84
CA ALA B 248 7.18 2.59 -13.96
C ALA B 248 6.02 1.59 -13.91
N ASN B 249 5.69 1.08 -12.72
CA ASN B 249 4.53 0.19 -12.57
C ASN B 249 3.27 0.84 -13.12
N GLY B 250 3.03 2.11 -12.75
CA GLY B 250 1.85 2.82 -13.23
C GLY B 250 1.86 2.97 -14.74
N TYR B 251 3.00 3.34 -15.31
CA TYR B 251 3.10 3.43 -16.77
C TYR B 251 2.82 2.08 -17.42
N GLN B 252 3.35 0.99 -16.85
CA GLN B 252 3.16 -0.34 -17.41
C GLN B 252 1.69 -0.75 -17.39
N THR B 253 0.95 -0.36 -16.34
CA THR B 253 -0.50 -0.52 -16.32
C THR B 253 -1.11 0.01 -17.61
N VAL B 254 -0.87 1.29 -17.91
CA VAL B 254 -1.33 1.89 -19.15
C VAL B 254 -0.88 1.06 -20.35
N VAL B 255 0.42 0.73 -20.41
CA VAL B 255 0.94 -0.10 -21.50
C VAL B 255 0.10 -1.35 -21.66
N SER B 256 -0.24 -2.01 -20.55
CA SER B 256 -0.87 -3.33 -20.59
C SER B 256 -2.33 -3.28 -21.04
N ILE B 257 -2.99 -2.13 -20.96
CA ILE B 257 -4.39 -2.01 -21.36
C ILE B 257 -4.55 -1.17 -22.62
N ALA B 258 -3.45 -0.88 -23.31
CA ALA B 258 -3.46 0.05 -24.43
C ALA B 258 -4.16 -0.54 -25.67
N ASN B 259 -4.09 -1.86 -25.86
CA ASN B 259 -4.74 -2.53 -26.98
C ASN B 259 -6.12 -3.07 -26.61
N ASP B 260 -6.64 -2.68 -25.47
CA ASP B 260 -7.95 -3.10 -25.00
C ASP B 260 -8.98 -2.06 -25.45
N PRO B 261 -9.96 -2.44 -26.27
CA PRO B 261 -10.99 -1.45 -26.67
C PRO B 261 -11.67 -0.80 -25.48
N ALA B 262 -11.72 -1.47 -24.32
CA ALA B 262 -12.30 -0.85 -23.12
C ALA B 262 -11.51 0.37 -22.67
N SER B 263 -10.22 0.43 -22.97
CA SER B 263 -9.42 1.59 -22.58
C SER B 263 -9.95 2.86 -23.22
N ALA B 264 -10.31 2.80 -24.51
CA ALA B 264 -10.89 3.96 -25.17
C ALA B 264 -12.24 4.33 -24.56
N LYS B 265 -12.96 3.35 -24.00
CA LYS B 265 -14.25 3.63 -23.37
C LYS B 265 -14.08 4.32 -22.01
N PHE B 266 -13.04 3.95 -21.27
CA PHE B 266 -13.08 4.10 -19.81
C PHE B 266 -11.92 4.88 -19.21
N LEU B 267 -10.75 4.85 -19.87
CA LEU B 267 -9.51 5.28 -19.21
C LEU B 267 -9.52 6.74 -18.83
N ASN B 268 -9.91 7.62 -19.75
CA ASN B 268 -9.89 9.05 -19.45
C ASN B 268 -10.86 9.43 -18.35
N THR B 269 -11.86 8.59 -18.09
CA THR B 269 -12.77 8.85 -16.99
C THR B 269 -12.15 8.45 -15.66
N ASP B 270 -11.62 7.23 -15.59
CA ASP B 270 -10.88 6.81 -14.40
C ASP B 270 -9.73 7.75 -14.10
N LEU B 271 -9.04 8.22 -15.15
CA LEU B 271 -7.86 9.05 -14.97
C LEU B 271 -8.24 10.43 -14.44
N ASN B 272 -9.25 11.07 -15.04
CA ASN B 272 -9.69 12.35 -14.52
C ASN B 272 -10.23 12.22 -13.10
N ASN B 273 -10.86 11.09 -12.79
CA ASN B 273 -11.40 10.90 -11.45
C ASN B 273 -10.27 10.77 -10.42
N ALA B 274 -9.24 10.00 -10.77
CA ALA B 274 -8.10 9.83 -9.87
C ALA B 274 -7.31 11.12 -9.75
N PHE B 275 -7.10 11.84 -10.86
CA PHE B 275 -6.34 13.08 -10.77
C PHE B 275 -7.04 14.07 -9.84
N TRP B 276 -8.36 14.20 -9.95
CA TRP B 276 -9.06 15.13 -9.07
C TRP B 276 -9.05 14.63 -7.63
N THR B 277 -9.28 13.32 -7.45
CA THR B 277 -9.23 12.72 -6.12
C THR B 277 -7.93 13.10 -5.41
N GLN B 278 -6.79 12.83 -6.05
CA GLN B 278 -5.49 13.10 -5.43
C GLN B 278 -5.26 14.59 -5.22
N GLN B 279 -5.53 15.40 -6.25
CA GLN B 279 -5.22 16.82 -6.16
C GLN B 279 -6.14 17.53 -5.16
N LYS B 280 -7.40 17.09 -5.06
CA LYS B 280 -8.35 17.66 -4.10
C LYS B 280 -7.74 17.78 -2.72
N TYR B 281 -7.03 16.75 -2.28
CA TYR B 281 -6.43 16.78 -0.95
C TYR B 281 -5.00 17.34 -0.95
N PHE B 282 -4.14 16.85 -1.86
CA PHE B 282 -2.71 17.14 -1.74
C PHE B 282 -2.37 18.57 -2.11
N THR B 283 -3.12 19.15 -3.06
CA THR B 283 -2.83 20.52 -3.46
C THR B 283 -2.98 21.49 -2.29
N PRO B 284 -4.10 21.51 -1.56
CA PRO B 284 -4.15 22.40 -0.39
C PRO B 284 -3.35 21.89 0.80
N VAL B 285 -3.32 20.58 1.06
CA VAL B 285 -2.68 20.10 2.29
C VAL B 285 -1.16 20.22 2.22
N LEU B 286 -0.54 19.84 1.09
CA LEU B 286 0.90 20.03 1.00
C LEU B 286 1.27 21.49 1.02
N GLY B 287 0.52 22.33 0.30
CA GLY B 287 0.76 23.76 0.35
C GLY B 287 0.65 24.31 1.76
N TYR B 288 -0.37 23.87 2.49
CA TYR B 288 -0.53 24.30 3.89
C TYR B 288 0.64 23.82 4.74
N LEU B 289 0.97 22.53 4.65
CA LEU B 289 2.07 22.00 5.46
C LEU B 289 3.40 22.67 5.10
N PHE B 290 3.66 22.86 3.81
CA PHE B 290 4.92 23.48 3.40
C PHE B 290 5.02 24.92 3.88
N GLU B 291 4.01 25.75 3.57
CA GLU B 291 4.15 27.19 3.81
C GLU B 291 3.81 27.57 5.24
N TYR B 292 2.82 26.91 5.85
CA TYR B 292 2.47 27.25 7.22
C TYR B 292 3.15 26.37 8.26
N GLY B 293 3.68 25.21 7.86
CA GLY B 293 4.37 24.34 8.78
C GLY B 293 5.86 24.56 8.83
N SER B 294 6.37 25.64 8.25
CA SER B 294 7.79 25.95 8.23
C SER B 294 8.00 27.36 8.76
N LYS B 295 9.25 27.62 9.14
CA LYS B 295 9.72 29.00 9.31
C LYS B 295 10.33 29.47 7.99
N PHE B 296 11.43 28.84 7.59
CA PHE B 296 12.08 29.20 6.35
C PHE B 296 11.41 28.47 5.18
N LYS B 297 11.01 29.25 4.19
CA LYS B 297 10.29 28.77 3.02
C LYS B 297 11.23 28.70 1.84
N VAL B 298 11.04 27.69 1.00
CA VAL B 298 11.92 27.50 -0.16
C VAL B 298 11.47 28.33 -1.35
N GLU B 299 10.20 28.20 -1.71
CA GLU B 299 9.61 28.88 -2.85
C GLU B 299 8.11 28.81 -2.66
N PRO B 300 7.34 29.66 -3.36
CA PRO B 300 5.88 29.57 -3.22
C PRO B 300 5.39 28.20 -3.67
N TRP B 301 4.51 27.62 -2.86
CA TRP B 301 3.93 26.31 -3.15
C TRP B 301 3.35 26.25 -4.56
N VAL B 302 2.73 27.34 -5.01
CA VAL B 302 2.14 27.33 -6.35
C VAL B 302 3.23 27.18 -7.41
N LYS B 303 4.43 27.72 -7.14
CA LYS B 303 5.57 27.51 -8.04
C LYS B 303 6.03 26.06 -8.01
N THR B 304 6.14 25.45 -6.82
CA THR B 304 6.46 24.03 -6.71
C THR B 304 5.43 23.18 -7.47
N TRP B 305 4.14 23.47 -7.25
CA TRP B 305 3.07 22.79 -7.96
C TRP B 305 3.23 22.93 -9.47
N ASN B 306 3.44 24.17 -9.93
CA ASN B 306 3.65 24.43 -11.35
C ASN B 306 4.79 23.60 -11.93
N ARG B 307 5.97 23.63 -11.27
CA ARG B 307 7.12 22.88 -11.77
C ARG B 307 6.84 21.39 -11.82
N TRP B 308 6.43 20.81 -10.69
CA TRP B 308 6.34 19.36 -10.60
C TRP B 308 5.04 18.81 -11.18
N VAL B 309 3.90 19.43 -10.87
CA VAL B 309 2.59 18.89 -11.25
C VAL B 309 2.24 19.32 -12.67
N TYR B 310 2.01 20.63 -12.85
CA TYR B 310 1.52 21.12 -14.13
C TYR B 310 2.51 20.85 -15.27
N GLU B 311 3.69 21.44 -15.21
CA GLU B 311 4.57 21.42 -16.38
C GLU B 311 5.27 20.08 -16.56
N ASP B 312 5.87 19.54 -15.50
CA ASP B 312 6.74 18.38 -15.70
C ASP B 312 5.95 17.07 -15.71
N TRP B 313 5.15 16.79 -14.66
CA TRP B 313 4.29 15.59 -14.72
C TRP B 313 3.30 15.68 -15.87
N GLY B 314 2.61 16.82 -16.00
CA GLY B 314 1.59 16.95 -17.02
C GLY B 314 2.15 16.83 -18.43
N GLY B 315 3.31 17.46 -18.67
CA GLY B 315 3.91 17.40 -19.98
C GLY B 315 4.60 16.10 -20.30
N ILE B 316 5.34 15.55 -19.35
CA ILE B 316 6.20 14.41 -19.62
C ILE B 316 5.43 13.09 -19.48
N TRP B 317 4.39 13.06 -18.64
CA TRP B 317 3.56 11.87 -18.55
C TRP B 317 2.28 12.01 -19.36
N ILE B 318 1.41 12.96 -19.01
CA ILE B 318 0.10 13.04 -19.65
C ILE B 318 0.25 13.49 -21.10
N GLY B 319 0.94 14.62 -21.32
CA GLY B 319 1.05 15.17 -22.67
C GLY B 319 1.65 14.20 -23.67
N ARG B 320 2.68 13.45 -23.25
CA ARG B 320 3.31 12.48 -24.15
C ARG B 320 2.40 11.28 -24.43
N LEU B 321 1.49 10.97 -23.51
CA LEU B 321 0.56 9.86 -23.70
C LEU B 321 -0.61 10.22 -24.61
N GLY B 322 -0.75 11.48 -25.01
CA GLY B 322 -1.82 11.87 -25.92
C GLY B 322 -1.81 11.11 -27.23
N LYS B 323 -0.63 10.64 -27.67
CA LYS B 323 -0.53 9.77 -28.82
C LYS B 323 -1.36 8.50 -28.68
N TYR B 324 -1.67 8.10 -27.45
CA TYR B 324 -2.41 6.87 -27.19
C TYR B 324 -3.75 7.15 -26.52
N GLY B 325 -4.38 8.28 -26.83
CA GLY B 325 -5.74 8.51 -26.38
C GLY B 325 -5.90 9.04 -24.98
N VAL B 326 -4.81 9.41 -24.31
CA VAL B 326 -4.88 10.00 -22.99
C VAL B 326 -5.04 11.51 -23.14
N GLU B 327 -6.10 12.04 -22.54
CA GLU B 327 -6.42 13.45 -22.66
C GLU B 327 -5.90 14.20 -21.45
N SER B 328 -5.62 15.47 -21.66
CA SER B 328 -5.37 16.36 -20.53
C SER B 328 -6.58 16.32 -19.60
N PRO B 329 -6.36 16.19 -18.29
CA PRO B 329 -7.51 16.02 -17.37
C PRO B 329 -8.46 17.19 -17.46
N ALA B 330 -9.74 16.88 -17.64
CA ALA B 330 -10.75 17.91 -17.72
C ALA B 330 -10.78 18.79 -16.48
N SER B 331 -10.45 18.23 -15.32
CA SER B 331 -10.47 18.98 -14.07
C SER B 331 -9.23 19.82 -13.83
N LEU B 332 -8.32 19.92 -14.81
CA LEU B 332 -7.06 20.60 -14.56
C LEU B 332 -7.29 22.07 -14.25
N ARG B 333 -8.16 22.74 -15.02
CA ARG B 333 -8.43 24.15 -14.79
C ARG B 333 -8.84 24.43 -13.35
N ASP B 334 -9.72 23.59 -12.80
CA ASP B 334 -10.10 23.78 -11.41
C ASP B 334 -8.97 23.44 -10.47
N ALA B 335 -8.16 22.43 -10.79
CA ALA B 335 -7.00 22.12 -9.97
C ALA B 335 -6.03 23.29 -9.89
N LYS B 336 -5.90 24.07 -10.96
CA LYS B 336 -4.94 25.18 -10.95
C LYS B 336 -5.38 26.28 -10.01
N ARG B 337 -6.69 26.54 -9.92
CA ARG B 337 -7.17 27.52 -8.96
C ARG B 337 -6.90 27.07 -7.53
N ASP B 338 -7.04 25.75 -7.27
CA ASP B 338 -6.71 25.21 -5.95
C ASP B 338 -5.23 25.37 -5.64
N ALA B 339 -4.36 25.23 -6.65
CA ALA B 339 -2.93 25.38 -6.44
C ALA B 339 -2.58 26.79 -5.97
N TYR B 340 -3.35 27.79 -6.39
CA TYR B 340 -3.04 29.16 -5.99
C TYR B 340 -3.60 29.48 -4.62
N TRP B 341 -4.81 29.01 -4.31
CA TRP B 341 -5.54 29.50 -3.15
C TRP B 341 -5.98 28.44 -2.15
N ALA B 342 -6.10 27.17 -2.54
CA ALA B 342 -6.80 26.23 -1.66
C ALA B 342 -6.01 25.94 -0.39
N HIS B 343 -4.67 26.02 -0.43
CA HIS B 343 -3.92 25.78 0.80
C HIS B 343 -4.07 26.94 1.77
N HIS B 344 -4.27 28.15 1.27
CA HIS B 344 -4.59 29.24 2.18
C HIS B 344 -5.98 29.06 2.78
N ASP B 345 -6.95 28.60 1.97
CA ASP B 345 -8.27 28.24 2.49
C ASP B 345 -8.15 27.20 3.59
N LEU B 346 -7.36 26.14 3.35
CA LEU B 346 -7.29 25.07 4.33
C LEU B 346 -6.68 25.58 5.64
N ALA B 347 -5.70 26.49 5.53
CA ALA B 347 -5.05 27.02 6.73
C ALA B 347 -6.06 27.60 7.68
N LEU B 348 -7.06 28.32 7.15
CA LEU B 348 -8.14 28.84 7.98
C LEU B 348 -8.79 27.72 8.78
N ALA B 349 -9.11 26.62 8.12
CA ALA B 349 -9.72 25.49 8.82
C ALA B 349 -8.74 24.84 9.80
N ALA B 350 -7.48 24.67 9.38
CA ALA B 350 -6.51 23.95 10.21
C ALA B 350 -6.21 24.72 11.49
N TYR B 351 -6.01 26.03 11.38
CA TYR B 351 -5.72 26.84 12.55
C TYR B 351 -6.96 27.00 13.42
N ALA B 352 -8.13 27.12 12.78
CA ALA B 352 -9.36 27.29 13.54
C ALA B 352 -9.67 26.05 14.36
N MET B 353 -9.27 24.89 13.88
CA MET B 353 -9.61 23.64 14.57
C MET B 353 -8.36 22.97 15.15
N TRP B 354 -7.37 23.77 15.55
CA TRP B 354 -6.11 23.22 16.06
C TRP B 354 -6.25 22.21 17.19
N PRO B 355 -7.19 22.32 18.14
CA PRO B 355 -7.18 21.36 19.27
C PRO B 355 -7.49 19.93 18.86
N LEU B 356 -8.01 19.72 17.65
CA LEU B 356 -8.31 18.38 17.17
C LEU B 356 -7.10 17.67 16.55
N GLY B 357 -6.00 18.39 16.34
CA GLY B 357 -4.82 17.81 15.70
C GLY B 357 -3.94 17.09 16.70
N PHE B 358 -2.73 16.77 16.23
CA PHE B 358 -1.72 16.20 17.11
C PHE B 358 -0.37 16.85 16.88
N ALA B 359 -0.37 18.12 16.46
CA ALA B 359 0.87 18.84 16.21
C ALA B 359 0.70 20.26 16.71
N ARG B 360 1.81 20.92 17.01
CA ARG B 360 1.76 22.30 17.48
C ARG B 360 1.95 23.24 16.29
N LEU B 361 1.08 24.25 16.19
CA LEU B 361 1.09 25.17 15.05
C LEU B 361 1.60 26.54 15.45
N ALA B 362 1.99 27.32 14.45
CA ALA B 362 2.43 28.69 14.65
C ALA B 362 1.77 29.59 13.61
N LEU B 363 1.09 30.64 14.07
CA LEU B 363 0.58 31.64 13.17
C LEU B 363 1.74 32.28 12.41
N PRO B 364 1.54 32.66 11.14
CA PRO B 364 2.58 33.36 10.39
C PRO B 364 3.01 34.61 11.14
N ASP B 365 4.32 34.78 11.31
CA ASP B 365 4.79 35.98 11.96
C ASP B 365 4.86 37.11 10.92
N GLU B 366 5.33 38.28 11.35
CA GLU B 366 5.24 39.46 10.48
C GLU B 366 6.04 39.26 9.21
N GLU B 367 7.13 38.51 9.27
CA GLU B 367 7.91 38.30 8.06
C GLU B 367 7.38 37.13 7.23
N ASP B 368 6.74 36.15 7.86
CA ASP B 368 5.95 35.19 7.08
C ASP B 368 4.87 35.92 6.30
N GLN B 369 4.17 36.85 6.95
CA GLN B 369 3.03 37.51 6.31
C GLN B 369 3.49 38.35 5.12
N ALA B 370 4.61 39.06 5.26
CA ALA B 370 5.14 39.81 4.13
C ALA B 370 5.50 38.87 2.98
N TRP B 371 5.99 37.68 3.31
CA TRP B 371 6.28 36.66 2.30
C TRP B 371 5.00 36.22 1.59
N PHE B 372 3.94 35.92 2.36
CA PHE B 372 2.68 35.48 1.77
C PHE B 372 2.13 36.53 0.81
N GLU B 373 2.03 37.79 1.27
CA GLU B 373 1.51 38.86 0.43
C GLU B 373 2.33 39.04 -0.85
N ALA B 374 3.66 38.98 -0.75
CA ALA B 374 4.50 39.18 -1.93
C ALA B 374 4.23 38.11 -2.99
N ASN B 375 3.98 36.87 -2.56
CA ASN B 375 3.84 35.79 -3.53
C ASN B 375 2.40 35.45 -3.84
N TYR B 376 1.47 35.91 -3.03
CA TYR B 376 0.03 35.70 -3.24
C TYR B 376 -0.67 37.03 -3.02
N PRO B 377 -0.44 38.02 -3.89
CA PRO B 377 -1.03 39.35 -3.69
C PRO B 377 -2.52 39.26 -3.43
N GLY B 378 -2.96 39.91 -2.35
CA GLY B 378 -4.30 39.75 -1.84
C GLY B 378 -4.40 38.87 -0.62
N TRP B 379 -3.30 38.20 -0.24
CA TRP B 379 -3.32 37.34 0.92
C TRP B 379 -3.52 38.13 2.21
N ALA B 380 -2.86 39.29 2.30
CA ALA B 380 -2.93 40.09 3.53
C ALA B 380 -4.35 40.58 3.82
N ASP B 381 -5.09 40.98 2.77
CA ASP B 381 -6.41 41.58 2.99
C ASP B 381 -7.46 40.56 3.35
N HIS B 382 -7.22 39.29 3.03
CA HIS B 382 -8.17 38.21 3.25
C HIS B 382 -7.72 37.32 4.41
N TYR B 383 -6.69 36.51 4.21
CA TYR B 383 -6.28 35.57 5.24
C TYR B 383 -5.57 36.27 6.39
N GLY B 384 -4.69 37.23 6.06
CA GLY B 384 -3.86 37.84 7.08
C GLY B 384 -4.67 38.59 8.12
N LYS B 385 -5.61 39.43 7.66
CA LYS B 385 -6.50 40.13 8.58
C LYS B 385 -7.17 39.16 9.56
N ILE B 386 -7.57 37.99 9.06
CA ILE B 386 -8.21 37.00 9.93
C ILE B 386 -7.21 36.47 10.96
N PHE B 387 -5.99 36.11 10.52
CA PHE B 387 -5.00 35.59 11.47
C PHE B 387 -4.61 36.63 12.51
N ASN B 388 -4.44 37.87 12.09
CA ASN B 388 -4.05 38.94 13.02
C ASN B 388 -5.18 39.23 14.01
N GLU B 389 -6.43 39.20 13.55
CA GLU B 389 -7.56 39.32 14.46
C GLU B 389 -7.56 38.20 15.49
N TRP B 390 -7.40 36.95 15.04
CA TRP B 390 -7.36 35.81 15.96
C TRP B 390 -6.23 35.95 16.96
N LYS B 391 -5.06 36.39 16.50
CA LYS B 391 -3.97 36.68 17.43
C LYS B 391 -4.39 37.70 18.47
N LYS B 392 -5.00 38.81 18.03
CA LYS B 392 -5.45 39.83 18.97
C LYS B 392 -6.48 39.29 19.97
N LEU B 393 -7.24 38.26 19.59
CA LEU B 393 -8.27 37.71 20.48
C LEU B 393 -7.75 36.65 21.43
N GLY B 394 -6.47 36.30 21.39
CA GLY B 394 -5.92 35.33 22.30
C GLY B 394 -5.72 33.95 21.72
N TYR B 395 -5.56 33.84 20.39
CA TYR B 395 -5.40 32.54 19.76
C TYR B 395 -4.38 31.67 20.48
N GLU B 396 -3.28 32.25 20.91
CA GLU B 396 -2.22 31.48 21.53
C GLU B 396 -2.39 31.32 23.03
N ASP B 397 -3.24 32.14 23.65
CA ASP B 397 -3.25 32.32 25.09
C ASP B 397 -4.24 31.36 25.72
N PRO B 398 -3.79 30.40 26.53
CA PRO B 398 -4.71 29.39 27.08
C PRO B 398 -5.75 29.96 28.03
N LYS B 399 -5.49 31.09 28.67
CA LYS B 399 -6.47 31.67 29.56
C LYS B 399 -7.47 32.55 28.82
N SER B 400 -7.32 32.72 27.50
CA SER B 400 -8.21 33.57 26.71
C SER B 400 -9.59 32.99 26.49
N GLY B 401 -9.80 31.69 26.66
CA GLY B 401 -11.09 31.11 26.32
C GLY B 401 -11.47 31.17 24.86
N PHE B 402 -10.52 31.39 23.95
CA PHE B 402 -10.83 31.66 22.55
C PHE B 402 -10.37 30.52 21.66
N ILE B 403 -11.32 29.92 20.94
CA ILE B 403 -11.04 28.93 19.93
C ILE B 403 -11.67 29.44 18.64
N PRO B 404 -10.92 29.56 17.54
CA PRO B 404 -11.46 30.29 16.38
C PRO B 404 -12.56 29.55 15.64
N TYR B 405 -12.76 28.25 15.86
CA TYR B 405 -13.89 27.59 15.22
C TYR B 405 -15.20 28.27 15.61
N GLN B 406 -15.35 28.64 16.90
CA GLN B 406 -16.55 29.34 17.33
C GLN B 406 -16.63 30.75 16.76
N TRP B 407 -15.48 31.38 16.51
CA TRP B 407 -15.48 32.68 15.86
C TRP B 407 -16.00 32.57 14.43
N LEU B 408 -15.63 31.50 13.72
CA LEU B 408 -16.16 31.29 12.38
C LEU B 408 -17.66 31.09 12.42
N LEU B 409 -18.14 30.33 13.40
CA LEU B 409 -19.58 30.08 13.49
C LEU B 409 -20.33 31.34 13.88
N ALA B 410 -19.79 32.12 14.83
CA ALA B 410 -20.43 33.38 15.20
C ALA B 410 -20.57 34.33 14.03
N ASN B 411 -19.65 34.27 13.07
CA ASN B 411 -19.65 35.21 11.95
C ASN B 411 -20.21 34.60 10.67
N GLY B 412 -20.91 33.47 10.77
CA GLY B 412 -21.50 32.84 9.59
C GLY B 412 -20.53 32.14 8.67
N HIS B 413 -19.32 31.82 9.13
CA HIS B 413 -18.33 31.15 8.28
C HIS B 413 -18.28 29.66 8.61
N ASP B 414 -19.38 28.99 8.29
CA ASP B 414 -19.53 27.60 8.66
C ASP B 414 -18.53 26.73 7.91
N VAL B 415 -18.12 25.64 8.55
CA VAL B 415 -17.25 24.64 7.95
C VAL B 415 -18.10 23.42 7.59
N TYR B 416 -17.97 22.95 6.36
CA TYR B 416 -18.62 21.74 5.88
C TYR B 416 -17.57 20.73 5.48
N ILE B 417 -17.94 19.45 5.53
CA ILE B 417 -17.07 18.37 5.09
C ILE B 417 -17.65 17.77 3.83
N ASP B 418 -16.85 17.78 2.76
CA ASP B 418 -17.22 17.12 1.51
C ASP B 418 -17.45 15.63 1.76
N ARG B 419 -18.67 15.15 1.48
CA ARG B 419 -18.98 13.74 1.66
C ARG B 419 -18.02 12.84 0.87
N VAL B 420 -17.50 13.30 -0.26
CA VAL B 420 -16.63 12.48 -1.09
C VAL B 420 -15.17 12.57 -0.63
N SER B 421 -14.58 13.77 -0.64
CA SER B 421 -13.15 13.94 -0.39
C SER B 421 -12.78 14.08 1.09
N GLN B 422 -13.75 14.36 1.97
CA GLN B 422 -13.55 14.64 3.40
C GLN B 422 -12.76 15.91 3.64
N VAL B 423 -12.51 16.70 2.59
CA VAL B 423 -11.78 17.95 2.73
C VAL B 423 -12.73 19.03 3.27
N PRO B 424 -12.31 19.81 4.25
CA PRO B 424 -13.16 20.89 4.76
C PRO B 424 -13.34 22.00 3.73
N PHE B 425 -14.43 22.75 3.89
CA PHE B 425 -14.77 23.81 2.94
C PHE B 425 -15.44 24.93 3.71
N ILE B 426 -14.94 26.15 3.54
CA ILE B 426 -15.58 27.34 4.10
C ILE B 426 -16.03 28.23 2.96
N PRO B 427 -17.22 28.01 2.41
CA PRO B 427 -17.59 28.70 1.17
C PRO B 427 -17.59 30.21 1.29
N SER B 428 -17.92 30.74 2.47
CA SER B 428 -17.97 32.17 2.66
C SER B 428 -16.60 32.82 2.63
N LEU B 429 -15.52 32.04 2.76
CA LEU B 429 -14.16 32.57 2.74
C LEU B 429 -13.30 31.98 1.64
N ALA B 430 -13.67 30.83 1.09
CA ALA B 430 -12.78 30.10 0.20
C ALA B 430 -12.49 30.88 -1.06
N LYS B 431 -11.20 30.98 -1.42
CA LYS B 431 -10.80 31.51 -2.71
C LYS B 431 -10.47 30.41 -3.71
N GLY B 432 -10.47 29.15 -3.27
CA GLY B 432 -10.21 28.03 -4.15
C GLY B 432 -11.44 27.58 -4.90
N THR B 433 -11.28 26.49 -5.65
CA THR B 433 -12.38 25.96 -6.43
C THR B 433 -13.47 25.40 -5.49
N GLY B 434 -14.72 25.59 -5.89
CA GLY B 434 -15.81 24.89 -5.24
C GLY B 434 -17.01 25.74 -4.87
N SER B 435 -18.14 25.08 -4.65
CA SER B 435 -19.32 25.73 -4.12
C SER B 435 -20.16 24.68 -3.39
N LEU B 436 -20.88 25.13 -2.38
CA LEU B 436 -21.64 24.23 -1.54
C LEU B 436 -22.90 23.73 -2.25
N ARG B 437 -23.06 22.41 -2.28
CA ARG B 437 -24.28 21.74 -2.71
C ARG B 437 -24.75 20.85 -1.57
N VAL B 438 -25.98 21.04 -1.11
CA VAL B 438 -26.56 20.26 -0.02
C VAL B 438 -27.75 19.50 -0.57
N HIS B 439 -27.66 18.18 -0.54
CA HIS B 439 -28.73 17.32 -1.02
C HIS B 439 -29.25 16.48 0.14
N GLU B 440 -30.57 16.30 0.15
CA GLU B 440 -31.21 15.31 1.00
C GLU B 440 -31.52 14.08 0.14
N PHE B 441 -31.18 12.91 0.65
CA PHE B 441 -31.44 11.68 -0.08
C PHE B 441 -31.75 10.58 0.92
N ASN B 442 -32.99 10.08 0.89
CA ASN B 442 -33.40 8.98 1.75
C ASN B 442 -33.22 9.35 3.22
N GLY B 443 -33.57 10.58 3.56
CA GLY B 443 -33.62 11.01 4.94
C GLY B 443 -32.29 11.40 5.52
N LYS B 444 -31.30 11.69 4.67
CA LYS B 444 -29.95 12.03 5.11
C LYS B 444 -29.47 13.19 4.26
N LYS B 445 -28.88 14.20 4.89
CA LYS B 445 -28.32 15.32 4.15
C LYS B 445 -26.84 15.10 3.85
N HIS B 446 -26.39 15.64 2.72
CA HIS B 446 -25.01 15.49 2.24
C HIS B 446 -24.49 16.82 1.71
N SER B 447 -23.32 17.24 2.21
CA SER B 447 -22.64 18.42 1.67
C SER B 447 -21.55 17.98 0.70
N LEU B 448 -21.70 18.40 -0.55
CA LEU B 448 -20.71 18.23 -1.61
C LEU B 448 -20.14 19.60 -1.98
N THR B 449 -18.90 19.63 -2.52
CA THR B 449 -18.19 20.90 -2.64
C THR B 449 -17.67 21.21 -4.03
N ASP B 450 -17.79 20.32 -5.00
CA ASP B 450 -17.29 20.65 -6.33
C ASP B 450 -17.95 19.74 -7.36
N ASP B 451 -17.92 20.19 -8.62
CA ASP B 451 -18.60 19.49 -9.73
C ASP B 451 -18.11 18.05 -9.86
N TRP B 452 -16.80 17.82 -9.73
CA TRP B 452 -16.25 16.47 -9.95
C TRP B 452 -16.64 15.53 -8.81
N GLY B 453 -16.58 16.01 -7.58
CA GLY B 453 -16.99 15.18 -6.46
C GLY B 453 -18.49 14.96 -6.39
N GLU B 454 -19.28 15.97 -6.76
CA GLU B 454 -20.73 15.79 -6.76
C GLU B 454 -21.17 14.73 -7.77
N ARG B 455 -20.58 14.75 -8.97
CA ARG B 455 -20.88 13.72 -9.96
C ARG B 455 -20.53 12.34 -9.43
N GLN B 456 -19.40 12.22 -8.72
CA GLN B 456 -19.01 10.91 -8.20
C GLN B 456 -20.02 10.40 -7.18
N TRP B 457 -20.47 11.28 -6.28
CA TRP B 457 -21.44 10.89 -5.28
C TRP B 457 -22.79 10.56 -5.92
N LEU B 458 -23.24 11.40 -6.85
CA LEU B 458 -24.52 11.17 -7.51
C LEU B 458 -24.53 9.86 -8.28
N ILE B 459 -23.44 9.55 -8.99
CA ILE B 459 -23.43 8.30 -9.73
C ILE B 459 -23.17 7.12 -8.79
N GLU B 460 -22.44 7.34 -7.71
CA GLU B 460 -21.89 6.25 -6.88
C GLU B 460 -22.10 6.52 -5.40
N PRO B 461 -23.34 6.67 -4.96
CA PRO B 461 -23.56 7.01 -3.54
C PRO B 461 -23.10 5.94 -2.57
N GLU B 462 -23.13 4.67 -2.96
CA GLU B 462 -22.77 3.58 -2.06
C GLU B 462 -21.26 3.40 -1.90
N ARG B 463 -20.44 4.15 -2.65
CA ARG B 463 -19.01 4.21 -2.40
C ARG B 463 -18.64 5.27 -1.38
N TYR B 464 -19.55 6.20 -1.06
CA TYR B 464 -19.20 7.43 -0.36
C TYR B 464 -20.17 7.64 0.81
N GLU B 465 -20.04 6.79 1.83
CA GLU B 465 -20.88 6.87 3.02
C GLU B 465 -20.06 7.21 4.25
N CYS B 466 -18.92 7.85 4.06
CA CYS B 466 -18.01 8.11 5.15
C CYS B 466 -18.61 9.05 6.19
N HIS B 467 -18.61 8.61 7.45
CA HIS B 467 -19.07 9.48 8.53
C HIS B 467 -18.07 10.61 8.74
N ASN B 468 -18.59 11.83 8.91
CA ASN B 468 -17.71 12.98 9.11
C ASN B 468 -17.69 13.36 10.58
N VAL B 469 -16.79 14.28 10.94
CA VAL B 469 -16.52 14.51 12.35
C VAL B 469 -17.69 15.19 13.05
N PHE B 470 -18.48 15.98 12.31
CA PHE B 470 -19.66 16.57 12.92
C PHE B 470 -20.73 15.53 13.19
N GLU B 471 -20.88 14.60 12.27
CA GLU B 471 -21.82 13.50 12.48
C GLU B 471 -21.45 12.67 13.70
N GLN B 472 -20.16 12.43 13.91
CA GLN B 472 -19.74 11.55 15.00
C GLN B 472 -19.69 12.29 16.35
N TYR B 473 -19.37 13.57 16.34
CA TYR B 473 -19.13 14.34 17.56
C TYR B 473 -20.30 15.24 17.93
N GLU B 474 -21.36 15.28 17.12
CA GLU B 474 -22.44 16.25 17.29
C GLU B 474 -22.86 16.36 18.75
N GLY B 475 -22.96 17.59 19.25
CA GLY B 475 -23.40 17.85 20.60
C GLY B 475 -22.36 17.62 21.67
N ARG B 476 -21.21 17.06 21.35
CA ARG B 476 -20.22 16.78 22.38
C ARG B 476 -19.28 17.96 22.53
N GLU B 477 -18.77 18.13 23.75
CA GLU B 477 -17.89 19.24 24.04
C GLU B 477 -16.46 18.90 23.62
N LEU B 478 -15.75 19.90 23.10
CA LEU B 478 -14.43 19.70 22.52
C LEU B 478 -13.51 18.88 23.41
N SER B 479 -13.36 19.28 24.68
CA SER B 479 -12.39 18.63 25.55
C SER B 479 -12.71 17.16 25.79
N GLU B 480 -13.99 16.80 25.75
CA GLU B 480 -14.39 15.41 25.96
C GLU B 480 -13.99 14.53 24.78
N VAL B 481 -14.09 15.08 23.56
CA VAL B 481 -13.67 14.34 22.37
C VAL B 481 -12.16 14.16 22.38
N ILE B 482 -11.43 15.21 22.78
CA ILE B 482 -9.97 15.12 22.80
C ILE B 482 -9.51 14.14 23.88
N ALA B 483 -10.16 14.17 25.06
CA ALA B 483 -9.78 13.25 26.13
C ALA B 483 -10.06 11.80 25.72
N GLU B 484 -11.24 11.54 25.15
CA GLU B 484 -11.59 10.20 24.70
C GLU B 484 -10.64 9.70 23.61
N GLY B 485 -10.18 10.61 22.74
CA GLY B 485 -9.24 10.21 21.72
C GLY B 485 -7.80 10.09 22.16
N HIS B 486 -7.51 10.32 23.46
CA HIS B 486 -6.14 10.29 24.00
C HIS B 486 -5.27 11.37 23.34
N GLY B 487 -5.85 12.54 23.07
CA GLY B 487 -5.08 13.61 22.48
C GLY B 487 -4.39 14.46 23.52
N VAL B 488 -3.86 13.81 24.56
CA VAL B 488 -3.19 14.46 25.69
C VAL B 488 -1.77 13.91 25.84
N ARG B 489 -0.93 14.69 26.52
CA ARG B 489 0.43 14.30 26.83
C ARG B 489 0.44 13.34 28.01
N SER B 490 1.64 12.94 28.44
CA SER B 490 1.72 11.87 29.44
C SER B 490 1.20 12.29 30.82
N ASP B 491 1.12 13.58 31.11
CA ASP B 491 0.42 14.00 32.33
C ASP B 491 -1.09 13.80 32.23
N GLY B 492 -1.61 13.36 31.08
CA GLY B 492 -3.02 13.16 30.91
C GLY B 492 -3.88 14.40 30.94
N LYS B 493 -3.30 15.60 31.03
CA LYS B 493 -4.10 16.82 31.02
C LYS B 493 -3.71 17.80 29.91
N THR B 494 -2.45 17.84 29.51
CA THR B 494 -1.96 18.83 28.55
C THR B 494 -2.20 18.33 27.13
N LEU B 495 -2.74 19.21 26.28
CA LEU B 495 -3.00 18.80 24.92
C LEU B 495 -1.71 18.49 24.17
N ILE B 496 -1.75 17.46 23.34
CA ILE B 496 -0.72 17.31 22.33
C ILE B 496 -0.70 18.54 21.43
N ALA B 497 -1.82 18.83 20.79
CA ALA B 497 -1.92 19.97 19.90
C ALA B 497 -1.76 21.28 20.68
N GLN B 498 -1.19 22.29 20.02
CA GLN B 498 -1.04 23.61 20.63
C GLN B 498 -1.20 24.67 19.56
N PRO B 499 -1.64 25.87 19.92
CA PRO B 499 -1.73 26.95 18.95
C PRO B 499 -0.46 27.79 18.84
N HIS B 500 0.61 27.42 19.53
CA HIS B 500 1.89 28.09 19.45
C HIS B 500 2.99 27.04 19.58
N THR B 501 4.24 27.44 19.27
CA THR B 501 5.37 26.51 19.36
C THR B 501 6.33 26.86 20.48
N ARG B 502 5.85 27.53 21.52
CA ARG B 502 6.70 27.91 22.64
C ARG B 502 6.67 26.83 23.72
N GLY B 503 7.61 26.93 24.65
CA GLY B 503 7.74 25.88 25.63
C GLY B 503 6.99 26.09 26.91
N ASP B 504 6.30 27.22 27.02
CA ASP B 504 5.50 27.57 28.18
C ASP B 504 4.04 27.75 27.76
N ASN B 505 3.18 27.94 28.77
CA ASN B 505 1.78 28.31 28.56
C ASN B 505 1.09 27.37 27.58
N LEU B 506 1.24 26.06 27.82
CA LEU B 506 0.57 25.08 26.98
C LEU B 506 -0.88 24.91 27.42
N TRP B 507 -1.76 24.69 26.44
CA TRP B 507 -3.19 24.49 26.72
C TRP B 507 -3.43 23.11 27.31
N THR B 508 -4.28 23.06 28.32
CA THR B 508 -4.76 21.82 28.93
C THR B 508 -6.22 21.60 28.57
N LEU B 509 -6.74 20.44 28.97
CA LEU B 509 -8.14 20.12 28.75
C LEU B 509 -9.06 21.15 29.39
N GLU B 510 -8.73 21.61 30.61
CA GLU B 510 -9.53 22.64 31.27
C GLU B 510 -9.54 23.94 30.47
N ASP B 511 -8.44 24.25 29.78
CA ASP B 511 -8.41 25.45 28.95
C ASP B 511 -9.34 25.34 27.75
N ILE B 512 -9.43 24.16 27.15
CA ILE B 512 -10.37 23.97 26.05
C ILE B 512 -11.79 24.02 26.57
N LYS B 513 -12.06 23.31 27.66
CA LYS B 513 -13.42 23.19 28.18
C LYS B 513 -14.01 24.57 28.54
N ARG B 514 -13.17 25.48 29.02
CA ARG B 514 -13.62 26.81 29.38
C ARG B 514 -14.20 27.55 28.18
N ALA B 515 -13.82 27.17 26.96
CA ALA B 515 -14.32 27.81 25.75
C ALA B 515 -15.70 27.30 25.35
N GLY B 516 -16.20 26.26 25.99
CA GLY B 516 -17.54 25.76 25.78
C GLY B 516 -17.84 25.51 24.31
N CYS B 517 -16.94 24.82 23.63
CA CYS B 517 -17.09 24.58 22.21
C CYS B 517 -17.74 23.22 22.03
N VAL B 518 -18.94 23.20 21.46
CA VAL B 518 -19.72 21.99 21.24
C VAL B 518 -19.92 21.84 19.74
N PHE B 519 -19.82 20.62 19.25
CA PHE B 519 -19.89 20.38 17.81
C PHE B 519 -21.32 20.56 17.32
N PRO B 520 -21.55 21.39 16.31
CA PRO B 520 -22.88 21.51 15.73
C PRO B 520 -23.09 20.48 14.62
N ASP B 521 -24.33 20.43 14.14
CA ASP B 521 -24.65 19.79 12.87
C ASP B 521 -24.66 20.89 11.81
N PRO B 522 -23.62 21.00 10.98
CA PRO B 522 -23.57 22.10 10.02
C PRO B 522 -24.75 22.11 9.04
N LEU B 523 -25.43 20.99 8.85
CA LEU B 523 -26.48 20.91 7.83
C LEU B 523 -27.88 21.09 8.43
N ALA B 524 -27.99 21.46 9.71
CA ALA B 524 -29.30 21.64 10.31
C ALA B 524 -30.05 22.83 9.72
N LYS B 525 -29.33 23.90 9.37
CA LYS B 525 -29.97 25.10 8.83
C LYS B 525 -30.62 24.86 7.48
N PHE B 526 -30.35 23.74 6.82
CA PHE B 526 -30.88 23.49 5.49
C PHE B 526 -32.09 22.56 5.51
N ALA C 2 -29.25 16.32 18.06
CA ALA C 2 -28.82 15.17 18.85
C ALA C 2 -27.48 15.44 19.54
N LYS C 3 -27.27 14.83 20.70
CA LYS C 3 -25.98 14.86 21.37
C LYS C 3 -25.43 13.44 21.43
N ARG C 4 -24.32 13.20 20.74
CA ARG C 4 -23.78 11.86 20.60
C ARG C 4 -23.19 11.37 21.91
N GLU C 5 -23.24 10.06 22.09
CA GLU C 5 -22.51 9.41 23.16
C GLU C 5 -21.07 9.19 22.72
N PRO C 6 -20.17 8.70 23.61
CA PRO C 6 -18.82 8.37 23.16
C PRO C 6 -18.81 7.44 21.95
N ILE C 7 -17.64 7.25 21.32
CA ILE C 7 -17.58 6.63 20.01
C ILE C 7 -17.71 5.13 20.12
N HIS C 8 -16.92 4.51 21.00
CA HIS C 8 -16.73 3.07 20.98
C HIS C 8 -17.58 2.33 21.99
N ASP C 9 -18.03 3.01 23.04
CA ASP C 9 -18.81 2.40 24.11
C ASP C 9 -19.98 3.32 24.38
N ASN C 10 -21.19 2.89 24.03
CA ASN C 10 -22.35 3.73 24.24
C ASN C 10 -23.57 2.84 24.42
N SER C 11 -24.69 3.49 24.73
CA SER C 11 -25.88 2.72 25.09
C SER C 11 -26.51 2.07 23.87
N ILE C 12 -26.37 2.69 22.69
CA ILE C 12 -26.88 2.08 21.47
C ILE C 12 -26.25 0.73 21.24
N ARG C 13 -24.91 0.66 21.34
CA ARG C 13 -24.23 -0.60 21.09
C ARG C 13 -24.45 -1.59 22.22
N THR C 14 -24.47 -1.12 23.46
CA THR C 14 -24.79 -2.01 24.57
C THR C 14 -26.19 -2.59 24.40
N GLU C 15 -27.13 -1.77 23.95
CA GLU C 15 -28.50 -2.23 23.71
C GLU C 15 -28.56 -3.31 22.64
N TRP C 16 -27.84 -3.11 21.52
CA TRP C 16 -27.94 -4.08 20.43
C TRP C 16 -27.20 -5.37 20.75
N GLU C 17 -26.11 -5.29 21.51
CA GLU C 17 -25.42 -6.51 21.92
C GLU C 17 -26.30 -7.37 22.81
N ALA C 18 -27.18 -6.74 23.61
CA ALA C 18 -28.14 -7.51 24.39
C ALA C 18 -29.12 -8.26 23.49
N LYS C 19 -29.63 -7.57 22.45
CA LYS C 19 -30.51 -8.26 21.49
C LYS C 19 -29.76 -9.37 20.76
N ILE C 20 -28.49 -9.12 20.39
CA ILE C 20 -27.76 -10.13 19.64
C ILE C 20 -27.54 -11.36 20.50
N ALA C 21 -27.40 -11.18 21.82
CA ALA C 21 -27.17 -12.32 22.70
C ALA C 21 -28.34 -13.29 22.72
N LYS C 22 -29.57 -12.81 22.45
CA LYS C 22 -30.75 -13.66 22.57
C LYS C 22 -31.00 -14.52 21.34
N LEU C 23 -30.18 -14.38 20.28
CA LEU C 23 -30.33 -15.23 19.11
C LEU C 23 -29.82 -16.64 19.43
N THR C 24 -30.61 -17.66 19.06
CA THR C 24 -30.30 -19.04 19.44
C THR C 24 -30.26 -20.02 18.28
N SER C 25 -30.72 -19.65 17.10
CA SER C 25 -30.68 -20.57 15.97
C SER C 25 -30.17 -19.85 14.73
N VAL C 26 -29.55 -20.62 13.84
CA VAL C 26 -29.06 -20.08 12.57
C VAL C 26 -30.20 -19.43 11.79
N ASP C 27 -31.38 -20.03 11.83
CA ASP C 27 -32.52 -19.48 11.12
C ASP C 27 -32.90 -18.11 11.70
N GLN C 28 -32.98 -18.02 13.03
CA GLN C 28 -33.34 -16.75 13.66
C GLN C 28 -32.27 -15.68 13.41
N ALA C 29 -30.99 -16.07 13.42
CA ALA C 29 -29.92 -15.10 13.22
C ALA C 29 -29.83 -14.65 11.76
N THR C 30 -30.12 -15.53 10.81
CA THR C 30 -30.08 -15.15 9.41
C THR C 30 -31.10 -14.06 9.10
N LYS C 31 -32.33 -14.20 9.62
CA LYS C 31 -33.35 -13.20 9.39
C LYS C 31 -33.04 -11.91 10.13
N PHE C 32 -32.53 -12.02 11.36
CA PHE C 32 -32.07 -10.85 12.10
C PHE C 32 -31.00 -10.06 11.34
N ILE C 33 -29.97 -10.74 10.81
CA ILE C 33 -28.91 -10.00 10.12
C ILE C 33 -29.42 -9.41 8.80
N GLN C 34 -30.27 -10.15 8.10
CA GLN C 34 -30.82 -9.63 6.85
C GLN C 34 -31.75 -8.44 7.10
N ASP C 35 -32.56 -8.52 8.15
CA ASP C 35 -33.41 -7.39 8.52
C ASP C 35 -32.56 -6.17 8.88
N PHE C 36 -31.55 -6.37 9.71
CA PHE C 36 -30.67 -5.27 10.12
C PHE C 36 -29.98 -4.64 8.91
N ARG C 37 -29.43 -5.48 8.03
CA ARG C 37 -28.69 -4.94 6.89
C ARG C 37 -29.62 -4.23 5.91
N LEU C 38 -30.83 -4.78 5.70
CA LEU C 38 -31.80 -4.08 4.88
C LEU C 38 -32.21 -2.76 5.53
N ALA C 39 -32.22 -2.71 6.86
CA ALA C 39 -32.75 -1.55 7.57
C ALA C 39 -31.71 -0.44 7.70
N TYR C 40 -30.44 -0.80 7.91
CA TYR C 40 -29.46 0.17 8.38
C TYR C 40 -28.22 0.35 7.51
N THR C 41 -28.10 -0.36 6.39
CA THR C 41 -26.89 -0.30 5.56
C THR C 41 -27.24 0.19 4.15
N SER C 42 -26.23 0.80 3.49
CA SER C 42 -26.32 1.28 2.11
C SER C 42 -27.07 2.61 2.04
N PRO C 43 -26.97 3.34 0.93
CA PRO C 43 -27.74 4.59 0.80
C PRO C 43 -29.23 4.36 0.67
N PHE C 44 -29.67 3.14 0.39
CA PHE C 44 -31.08 2.82 0.38
C PHE C 44 -31.54 2.21 1.69
N ARG C 45 -30.80 2.43 2.77
CA ARG C 45 -31.24 1.96 4.06
C ARG C 45 -32.55 2.64 4.44
N LYS C 46 -33.32 1.99 5.32
CA LYS C 46 -34.58 2.56 5.78
C LYS C 46 -34.36 3.62 6.85
N SER C 47 -33.25 3.57 7.57
CA SER C 47 -33.08 4.43 8.72
C SER C 47 -31.61 4.79 8.92
N TYR C 48 -31.34 6.09 9.04
CA TYR C 48 -30.04 6.60 9.40
C TYR C 48 -29.91 6.83 10.90
N ASP C 49 -30.80 6.26 11.71
CA ASP C 49 -30.85 6.61 13.13
C ASP C 49 -29.61 6.14 13.87
N ILE C 50 -29.07 4.98 13.49
CA ILE C 50 -27.89 4.44 14.15
C ILE C 50 -26.71 4.44 13.19
N ASP C 51 -26.62 5.51 12.40
CA ASP C 51 -25.58 5.64 11.38
C ASP C 51 -24.18 5.43 11.95
N VAL C 52 -23.87 6.09 13.07
CA VAL C 52 -22.51 6.01 13.62
C VAL C 52 -22.28 4.71 14.39
N ASP C 53 -23.29 3.87 14.55
CA ASP C 53 -23.13 2.63 15.32
C ASP C 53 -23.38 1.35 14.54
N TYR C 54 -24.00 1.41 13.36
CA TYR C 54 -24.49 0.19 12.74
C TYR C 54 -23.37 -0.75 12.30
N GLN C 55 -22.21 -0.21 11.89
CA GLN C 55 -21.16 -1.10 11.38
C GLN C 55 -20.58 -1.95 12.51
N TYR C 56 -20.47 -1.41 13.72
CA TYR C 56 -20.00 -2.22 14.83
C TYR C 56 -21.07 -3.24 15.24
N ILE C 57 -22.32 -2.81 15.31
CA ILE C 57 -23.41 -3.74 15.61
C ILE C 57 -23.47 -4.84 14.57
N GLU C 58 -23.30 -4.49 13.28
CA GLU C 58 -23.30 -5.49 12.23
C GLU C 58 -22.20 -6.52 12.46
N ARG C 59 -21.00 -6.08 12.82
CA ARG C 59 -19.93 -7.01 13.16
C ARG C 59 -20.36 -7.95 14.27
N LYS C 60 -21.00 -7.41 15.31
CA LYS C 60 -21.47 -8.25 16.42
C LYS C 60 -22.54 -9.25 15.98
N ILE C 61 -23.39 -8.89 15.02
CA ILE C 61 -24.37 -9.85 14.52
C ILE C 61 -23.65 -10.96 13.74
N GLU C 62 -22.69 -10.57 12.89
CA GLU C 62 -21.94 -11.57 12.11
C GLU C 62 -21.26 -12.59 13.01
N GLU C 63 -20.69 -12.12 14.13
CA GLU C 63 -19.98 -13.03 15.01
C GLU C 63 -20.93 -14.09 15.56
N LYS C 64 -22.10 -13.65 16.02
CA LYS C 64 -23.10 -14.54 16.57
C LYS C 64 -23.56 -15.55 15.52
N LEU C 65 -23.94 -15.07 14.34
CA LEU C 65 -24.40 -15.99 13.31
C LEU C 65 -23.30 -16.96 12.94
N SER C 66 -22.05 -16.49 12.86
CA SER C 66 -20.95 -17.37 12.45
C SER C 66 -20.73 -18.47 13.46
N VAL C 67 -20.77 -18.13 14.75
CA VAL C 67 -20.57 -19.12 15.80
C VAL C 67 -21.72 -20.13 15.83
N LEU C 68 -22.96 -19.64 15.70
CA LEU C 68 -24.10 -20.55 15.60
C LEU C 68 -23.96 -21.47 14.41
N LYS C 69 -23.45 -20.95 13.29
CA LYS C 69 -23.19 -21.78 12.12
C LYS C 69 -22.29 -22.97 12.45
N THR C 70 -21.17 -22.72 13.15
CA THR C 70 -20.22 -23.81 13.41
C THR C 70 -20.73 -24.73 14.52
N GLU C 71 -21.56 -24.21 15.41
CA GLU C 71 -22.18 -25.03 16.45
C GLU C 71 -23.30 -25.92 15.92
N LYS C 72 -24.06 -25.47 14.91
CA LYS C 72 -25.32 -26.11 14.60
C LYS C 72 -25.41 -26.76 13.22
N LEU C 73 -24.55 -26.42 12.28
CA LEU C 73 -24.74 -26.94 10.93
C LEU C 73 -23.66 -27.95 10.57
N PRO C 74 -24.00 -28.95 9.75
CA PRO C 74 -22.96 -29.91 9.32
C PRO C 74 -21.91 -29.20 8.49
N VAL C 75 -20.71 -29.79 8.47
CA VAL C 75 -19.55 -29.13 7.88
C VAL C 75 -19.81 -28.83 6.41
N ALA C 76 -20.24 -29.85 5.65
CA ALA C 76 -20.57 -29.65 4.24
C ALA C 76 -21.48 -28.45 4.04
N ASP C 77 -22.38 -28.19 4.98
CA ASP C 77 -23.25 -27.02 4.88
C ASP C 77 -22.46 -25.72 4.90
N LEU C 78 -21.43 -25.65 5.74
CA LEU C 78 -20.67 -24.42 5.89
C LEU C 78 -19.98 -24.02 4.59
N ILE C 79 -19.64 -24.97 3.74
CA ILE C 79 -18.95 -24.64 2.50
C ILE C 79 -19.93 -24.42 1.36
N THR C 80 -21.00 -25.21 1.26
CA THR C 80 -21.80 -25.25 0.04
C THR C 80 -23.14 -24.53 0.12
N LYS C 81 -23.61 -24.13 1.30
CA LYS C 81 -24.96 -23.55 1.36
C LYS C 81 -24.92 -22.17 2.01
N ALA C 82 -25.79 -21.31 1.51
CA ALA C 82 -26.15 -20.10 2.25
C ALA C 82 -26.97 -20.49 3.47
N THR C 83 -26.90 -19.65 4.50
CA THR C 83 -27.64 -19.93 5.73
C THR C 83 -29.15 -19.89 5.52
N THR C 84 -29.63 -19.28 4.44
CA THR C 84 -31.03 -19.33 4.08
C THR C 84 -31.47 -20.72 3.65
N GLY C 85 -30.54 -21.64 3.44
CA GLY C 85 -30.83 -22.96 2.95
C GLY C 85 -30.54 -23.16 1.48
N GLU C 86 -30.46 -22.07 0.71
CA GLU C 86 -30.22 -22.17 -0.72
C GLU C 86 -28.82 -22.67 -1.02
N ASP C 87 -28.66 -23.21 -2.22
CA ASP C 87 -27.34 -23.62 -2.67
CA ASP C 87 -27.34 -23.61 -2.68
C ASP C 87 -26.51 -22.38 -3.02
N ALA C 88 -25.31 -22.31 -2.46
CA ALA C 88 -24.46 -21.13 -2.66
C ALA C 88 -24.22 -20.87 -4.14
N ALA C 89 -23.87 -21.92 -4.89
CA ALA C 89 -23.66 -21.75 -6.33
C ALA C 89 -24.93 -21.30 -7.05
N ALA C 90 -26.10 -21.75 -6.55
CA ALA C 90 -27.35 -21.32 -7.16
C ALA C 90 -27.62 -19.85 -6.87
N VAL C 91 -27.29 -19.39 -5.65
CA VAL C 91 -27.37 -17.97 -5.35
C VAL C 91 -26.47 -17.19 -6.31
N GLU C 92 -25.22 -17.66 -6.47
CA GLU C 92 -24.28 -17.00 -7.37
C GLU C 92 -24.84 -16.85 -8.76
N ALA C 93 -25.25 -17.97 -9.38
CA ALA C 93 -25.76 -17.92 -10.75
C ALA C 93 -26.95 -16.99 -10.86
N THR C 94 -27.85 -17.01 -9.87
CA THR C 94 -29.06 -16.20 -9.92
C THR C 94 -28.75 -14.71 -10.01
N TRP C 95 -27.89 -14.21 -9.10
CA TRP C 95 -27.69 -12.76 -9.03
C TRP C 95 -26.78 -12.22 -10.13
N ILE C 96 -25.88 -13.03 -10.66
CA ILE C 96 -25.14 -12.59 -11.84
C ILE C 96 -26.08 -12.44 -13.03
N ALA C 97 -27.05 -13.34 -13.16
CA ALA C 97 -28.03 -13.26 -14.24
C ALA C 97 -28.90 -12.02 -14.10
N LYS C 98 -29.27 -11.66 -12.86
CA LYS C 98 -30.04 -10.44 -12.64
C LYS C 98 -29.28 -9.21 -13.11
N ILE C 99 -27.99 -9.11 -12.80
CA ILE C 99 -27.26 -7.86 -13.09
C ILE C 99 -27.00 -7.73 -14.59
N LYS C 100 -26.75 -8.83 -15.30
CA LYS C 100 -26.53 -8.74 -16.74
C LYS C 100 -27.82 -8.51 -17.52
N ALA C 101 -28.97 -8.79 -16.90
CA ALA C 101 -30.27 -8.40 -17.44
C ALA C 101 -30.62 -6.94 -17.17
N ALA C 102 -29.73 -6.17 -16.53
CA ALA C 102 -30.08 -4.82 -16.13
C ALA C 102 -30.10 -3.87 -17.34
N LYS C 103 -31.07 -2.96 -17.32
CA LYS C 103 -31.28 -2.02 -18.42
C LYS C 103 -30.56 -0.70 -18.19
N SER C 104 -30.51 -0.25 -16.95
CA SER C 104 -29.91 1.04 -16.61
C SER C 104 -28.89 0.83 -15.50
N LYS C 105 -28.08 1.87 -15.27
CA LYS C 105 -27.18 1.82 -14.13
C LYS C 105 -27.96 1.84 -12.82
N TYR C 106 -29.16 2.42 -12.82
CA TYR C 106 -29.95 2.51 -11.59
C TYR C 106 -30.61 1.18 -11.25
N GLU C 107 -30.91 0.34 -12.24
CA GLU C 107 -31.35 -1.02 -11.94
C GLU C 107 -30.19 -1.86 -11.43
N ALA C 108 -29.05 -1.79 -12.12
CA ALA C 108 -27.90 -2.61 -11.76
C ALA C 108 -27.37 -2.25 -10.37
N GLU C 109 -27.30 -0.96 -10.07
CA GLU C 109 -26.79 -0.55 -8.77
C GLU C 109 -27.64 -1.11 -7.64
N ARG C 110 -28.96 -1.21 -7.86
CA ARG C 110 -29.85 -1.71 -6.83
CA ARG C 110 -29.84 -1.70 -6.82
C ARG C 110 -29.69 -3.21 -6.61
N ILE C 111 -29.39 -3.95 -7.68
CA ILE C 111 -29.24 -5.39 -7.56
C ILE C 111 -28.00 -5.72 -6.74
N HIS C 112 -26.89 -5.04 -7.04
CA HIS C 112 -25.64 -5.32 -6.35
C HIS C 112 -25.77 -5.01 -4.86
N ILE C 113 -26.23 -3.81 -4.53
CA ILE C 113 -26.39 -3.39 -3.14
C ILE C 113 -27.29 -4.36 -2.38
N GLU C 114 -28.38 -4.80 -3.03
CA GLU C 114 -29.29 -5.73 -2.36
C GLU C 114 -28.65 -7.10 -2.19
N PHE C 115 -27.86 -7.53 -3.18
CA PHE C 115 -27.14 -8.80 -3.02
C PHE C 115 -26.25 -8.79 -1.77
N ARG C 116 -25.52 -7.69 -1.56
CA ARG C 116 -24.67 -7.59 -0.38
C ARG C 116 -25.51 -7.48 0.90
N GLN C 117 -26.63 -6.76 0.84
CA GLN C 117 -27.49 -6.64 2.02
C GLN C 117 -27.98 -7.99 2.48
N LEU C 118 -28.27 -8.88 1.54
CA LEU C 118 -28.92 -10.15 1.86
C LEU C 118 -27.92 -11.27 2.10
N TYR C 119 -26.85 -11.32 1.31
CA TYR C 119 -26.00 -12.50 1.30
C TYR C 119 -24.60 -12.26 1.82
N LYS C 120 -24.32 -11.08 2.37
CA LYS C 120 -22.99 -10.83 2.92
C LYS C 120 -22.64 -11.92 3.92
N PRO C 121 -21.39 -12.38 3.96
CA PRO C 121 -21.01 -13.35 4.99
C PRO C 121 -21.34 -12.83 6.37
N PRO C 122 -21.67 -13.73 7.32
CA PRO C 122 -21.66 -15.20 7.23
C PRO C 122 -22.88 -15.87 6.53
N VAL C 123 -23.76 -15.10 5.89
CA VAL C 123 -24.91 -15.73 5.23
C VAL C 123 -24.46 -16.57 4.05
N LEU C 124 -23.67 -16.01 3.19
CA LEU C 124 -23.13 -16.83 2.12
C LEU C 124 -21.67 -17.19 2.40
N PRO C 125 -21.22 -18.37 1.97
CA PRO C 125 -19.81 -18.71 2.16
C PRO C 125 -18.89 -17.68 1.51
N VAL C 126 -17.80 -17.36 2.21
CA VAL C 126 -16.91 -16.27 1.82
C VAL C 126 -16.47 -16.39 0.37
N ASN C 127 -15.99 -17.56 -0.01
CA ASN C 127 -15.48 -17.74 -1.36
C ASN C 127 -16.56 -17.51 -2.40
N VAL C 128 -17.76 -18.05 -2.18
CA VAL C 128 -18.85 -17.83 -3.13
C VAL C 128 -19.23 -16.36 -3.14
N PHE C 129 -19.27 -15.73 -1.96
CA PHE C 129 -19.69 -14.33 -1.89
C PHE C 129 -18.73 -13.42 -2.67
N LEU C 130 -17.42 -13.52 -2.40
CA LEU C 130 -16.48 -12.59 -3.02
C LEU C 130 -16.47 -12.73 -4.53
N ARG C 131 -16.50 -13.97 -5.01
CA ARG C 131 -16.55 -14.25 -6.44
C ARG C 131 -17.77 -13.61 -7.09
N THR C 132 -18.94 -13.68 -6.43
CA THR C 132 -20.14 -13.08 -6.98
C THR C 132 -20.06 -11.55 -6.93
N ASP C 133 -19.71 -11.01 -5.76
CA ASP C 133 -19.58 -9.57 -5.60
C ASP C 133 -18.59 -8.99 -6.62
N ALA C 134 -17.50 -9.71 -6.91
CA ALA C 134 -16.55 -9.25 -7.91
C ALA C 134 -17.18 -9.21 -9.29
N ALA C 135 -17.95 -10.25 -9.64
CA ALA C 135 -18.62 -10.31 -10.94
C ALA C 135 -19.69 -9.24 -11.07
N LEU C 136 -20.51 -9.07 -10.03
CA LEU C 136 -21.50 -7.99 -10.04
C LEU C 136 -20.82 -6.64 -10.19
N GLY C 137 -19.71 -6.44 -9.46
CA GLY C 137 -19.04 -5.15 -9.50
C GLY C 137 -18.52 -4.85 -10.89
N THR C 138 -18.03 -5.87 -11.59
CA THR C 138 -17.53 -5.67 -12.95
C THR C 138 -18.64 -5.13 -13.87
N VAL C 139 -19.86 -5.65 -13.73
CA VAL C 139 -20.97 -5.21 -14.57
C VAL C 139 -21.42 -3.80 -14.18
N LEU C 140 -21.53 -3.54 -12.87
CA LEU C 140 -21.97 -2.24 -12.42
C LEU C 140 -21.03 -1.13 -12.86
N MET C 141 -19.72 -1.41 -12.90
CA MET C 141 -18.77 -0.38 -13.33
C MET C 141 -18.89 -0.10 -14.82
N GLU C 142 -19.00 -1.16 -15.64
CA GLU C 142 -19.10 -1.00 -17.09
C GLU C 142 -20.30 -0.13 -17.48
N ILE C 143 -21.44 -0.31 -16.80
CA ILE C 143 -22.60 0.52 -17.08
C ILE C 143 -22.37 1.96 -16.60
N ARG C 144 -21.97 2.11 -15.34
CA ARG C 144 -21.83 3.43 -14.73
C ARG C 144 -20.79 4.28 -15.45
N ASN C 145 -19.67 3.67 -15.84
CA ASN C 145 -18.56 4.41 -16.42
C ASN C 145 -18.71 4.67 -17.91
N THR C 146 -19.80 4.19 -18.51
CA THR C 146 -20.10 4.48 -19.91
C THR C 146 -20.68 5.88 -20.01
N ASP C 147 -19.99 6.75 -20.75
CA ASP C 147 -20.36 8.15 -20.88
C ASP C 147 -20.61 8.78 -19.50
N TYR C 148 -19.52 8.79 -18.72
CA TYR C 148 -19.58 9.22 -17.33
C TYR C 148 -19.93 10.70 -17.22
N TYR C 149 -19.53 11.51 -18.19
CA TYR C 149 -19.73 12.95 -18.15
C TYR C 149 -20.84 13.43 -19.06
N GLY C 150 -21.63 12.51 -19.61
CA GLY C 150 -22.70 12.88 -20.52
C GLY C 150 -23.81 13.69 -19.87
N THR C 151 -24.43 13.11 -18.85
CA THR C 151 -25.54 13.78 -18.17
C THR C 151 -25.02 14.94 -17.34
N PRO C 152 -25.52 16.15 -17.52
CA PRO C 152 -25.10 17.26 -16.66
C PRO C 152 -25.64 17.07 -15.25
N LEU C 153 -24.99 17.77 -14.32
CA LEU C 153 -25.31 17.63 -12.90
C LEU C 153 -26.80 17.83 -12.64
N GLU C 154 -27.37 18.89 -13.23
CA GLU C 154 -28.81 19.14 -13.08
C GLU C 154 -29.60 17.91 -13.45
N GLY C 155 -29.24 17.27 -14.56
CA GLY C 155 -29.85 16.02 -14.95
C GLY C 155 -29.62 14.93 -13.92
N LEU C 156 -28.34 14.69 -13.60
CA LEU C 156 -28.00 13.63 -12.64
C LEU C 156 -28.75 13.82 -11.33
N ARG C 157 -28.89 15.07 -10.87
CA ARG C 157 -29.62 15.33 -9.64
C ARG C 157 -31.05 14.81 -9.72
N LYS C 158 -31.74 15.10 -10.83
CA LYS C 158 -33.11 14.61 -10.99
C LYS C 158 -33.14 13.08 -11.11
N GLU C 159 -32.23 12.49 -11.90
CA GLU C 159 -32.20 11.04 -12.03
C GLU C 159 -31.99 10.35 -10.69
N ARG C 160 -31.10 10.91 -9.86
CA ARG C 160 -30.82 10.31 -8.55
C ARG C 160 -32.03 10.43 -7.63
N GLY C 161 -32.74 11.55 -7.70
CA GLY C 161 -33.89 11.77 -6.84
C GLY C 161 -33.57 12.46 -5.54
N VAL C 162 -32.54 13.32 -5.52
CA VAL C 162 -32.24 14.06 -4.30
C VAL C 162 -33.17 15.25 -4.19
N LYS C 163 -33.41 15.69 -2.97
CA LYS C 163 -33.99 17.01 -2.70
C LYS C 163 -32.83 17.98 -2.59
N VAL C 164 -32.72 18.90 -3.56
CA VAL C 164 -31.69 19.93 -3.53
C VAL C 164 -32.07 20.94 -2.45
N LEU C 165 -31.36 20.94 -1.33
CA LEU C 165 -31.64 21.89 -0.26
C LEU C 165 -30.87 23.21 -0.38
N HIS C 166 -29.73 23.22 -1.09
CA HIS C 166 -28.95 24.45 -1.24
C HIS C 166 -27.98 24.29 -2.40
N LEU C 167 -27.86 25.35 -3.21
CA LEU C 167 -26.85 25.47 -4.26
C LEU C 167 -26.25 26.85 -4.17
N GLN C 168 -24.97 26.95 -3.85
CA GLN C 168 -24.38 28.26 -3.64
C GLN C 168 -24.26 29.01 -4.97
N ALA C 169 -24.43 30.33 -4.91
CA ALA C 169 -24.30 31.18 -6.09
C ALA C 169 -22.91 31.82 -6.14
N SER D 3 18.86 24.88 -23.73
CA SER D 3 19.70 25.41 -22.65
C SER D 3 18.86 25.81 -21.43
N ALA D 4 18.50 27.08 -21.35
CA ALA D 4 17.86 27.63 -20.17
C ALA D 4 16.37 27.28 -20.06
N HIS D 5 15.79 26.68 -21.09
CA HIS D 5 14.40 26.25 -21.01
C HIS D 5 14.21 25.07 -20.06
N ASN D 6 15.29 24.38 -19.67
CA ASN D 6 15.22 23.26 -18.76
C ASN D 6 15.59 23.64 -17.33
N ALA D 7 15.82 24.92 -17.06
CA ALA D 7 16.10 25.36 -15.71
C ALA D 7 14.88 25.18 -14.81
N TYR D 8 15.15 24.94 -13.52
CA TYR D 8 14.05 24.80 -12.56
C TYR D 8 13.12 26.01 -12.61
N ASN D 9 13.71 27.20 -12.71
CA ASN D 9 12.94 28.43 -12.67
C ASN D 9 12.71 29.03 -14.05
N ALA D 10 12.65 28.18 -15.07
CA ALA D 10 12.41 28.61 -16.44
C ALA D 10 11.00 29.17 -16.60
N GLY D 11 10.85 30.05 -17.59
CA GLY D 11 9.54 30.51 -18.04
C GLY D 11 8.78 31.26 -16.97
N ILE D 12 7.58 30.75 -16.66
CA ILE D 12 6.70 31.42 -15.71
C ILE D 12 7.30 31.45 -14.30
N MET D 13 8.26 30.56 -14.00
CA MET D 13 8.81 30.48 -12.66
C MET D 13 9.66 31.70 -12.28
N GLN D 14 10.08 32.52 -13.25
CA GLN D 14 10.77 33.77 -12.96
C GLN D 14 9.84 34.88 -12.51
N LYS D 15 8.55 34.83 -12.85
CA LYS D 15 7.65 35.94 -12.53
C LYS D 15 7.20 35.87 -11.07
N THR D 16 6.86 37.05 -10.53
CA THR D 16 6.45 37.22 -9.14
C THR D 16 5.09 37.89 -9.11
N GLY D 17 4.38 37.72 -7.99
CA GLY D 17 3.22 38.55 -7.71
C GLY D 17 2.17 38.42 -8.79
N LYS D 18 1.59 39.57 -9.18
CA LYS D 18 0.51 39.57 -10.16
C LYS D 18 0.99 39.03 -11.50
N ALA D 19 2.26 39.22 -11.83
CA ALA D 19 2.76 38.77 -13.13
C ALA D 19 2.70 37.25 -13.24
N PHE D 20 3.08 36.55 -12.16
CA PHE D 20 2.99 35.10 -12.17
C PHE D 20 1.53 34.63 -12.30
N ALA D 21 0.63 35.23 -11.51
CA ALA D 21 -0.76 34.80 -11.53
C ALA D 21 -1.37 34.95 -12.91
N ASP D 22 -1.07 36.05 -13.60
CA ASP D 22 -1.64 36.30 -14.93
C ASP D 22 -1.28 35.21 -15.91
N GLU D 23 -0.02 34.77 -15.90
CA GLU D 23 0.33 33.69 -16.80
C GLU D 23 -0.15 32.33 -16.30
N PHE D 24 -0.19 32.14 -14.98
CA PHE D 24 -0.69 30.89 -14.42
C PHE D 24 -2.13 30.65 -14.83
N PHE D 25 -2.95 31.71 -14.85
CA PHE D 25 -4.37 31.61 -15.16
C PHE D 25 -4.69 31.93 -16.61
N ALA D 26 -3.66 32.13 -17.44
CA ALA D 26 -3.89 32.34 -18.87
C ALA D 26 -4.54 31.09 -19.46
N GLU D 27 -5.53 31.30 -20.34
CA GLU D 27 -6.34 30.19 -20.81
C GLU D 27 -5.53 29.17 -21.57
N GLU D 28 -4.43 29.59 -22.21
CA GLU D 28 -3.58 28.63 -22.92
C GLU D 28 -2.86 27.69 -21.95
N ASN D 29 -2.80 28.04 -20.67
CA ASN D 29 -2.11 27.27 -19.66
C ASN D 29 -3.05 26.43 -18.79
N GLN D 30 -4.27 26.20 -19.25
CA GLN D 30 -5.23 25.33 -18.55
C GLN D 30 -5.27 23.93 -19.13
N VAL D 31 -4.46 23.63 -20.14
CA VAL D 31 -4.29 22.29 -20.66
C VAL D 31 -2.81 21.96 -20.54
N VAL D 32 -2.50 20.65 -20.41
CA VAL D 32 -1.10 20.26 -20.37
C VAL D 32 -0.49 20.51 -21.74
N HIS D 33 0.81 20.78 -21.74
CA HIS D 33 1.59 20.97 -22.94
C HIS D 33 2.64 19.87 -23.00
N GLU D 34 2.58 19.05 -24.04
CA GLU D 34 3.55 17.98 -24.25
C GLU D 34 4.98 18.50 -24.07
N SER D 35 5.79 17.73 -23.36
CA SER D 35 7.19 18.02 -23.14
C SER D 35 8.02 16.86 -23.63
N ASN D 36 9.11 17.18 -24.31
CA ASN D 36 10.11 16.20 -24.72
C ASN D 36 11.15 15.97 -23.63
N ALA D 37 11.06 16.68 -22.51
CA ALA D 37 12.10 16.63 -21.50
C ALA D 37 11.97 15.37 -20.65
N VAL D 38 13.04 15.08 -19.91
CA VAL D 38 13.03 14.13 -18.81
C VAL D 38 13.60 14.82 -17.58
N VAL D 39 13.16 14.40 -16.40
CA VAL D 39 13.69 14.90 -15.14
C VAL D 39 14.24 13.73 -14.36
N LEU D 40 15.46 13.91 -13.84
CA LEU D 40 16.15 12.90 -13.04
C LEU D 40 16.58 13.55 -11.73
N VAL D 41 16.30 12.87 -10.61
CA VAL D 41 16.67 13.34 -9.27
C VAL D 41 17.67 12.33 -8.71
N LEU D 42 18.83 12.82 -8.29
CA LEU D 42 19.85 11.98 -7.69
C LEU D 42 20.09 12.44 -6.26
N MET D 43 19.99 11.50 -5.34
CA MET D 43 20.30 11.76 -3.94
C MET D 43 21.79 12.06 -3.81
N LYS D 44 22.13 13.09 -3.05
CA LYS D 44 23.54 13.41 -2.85
C LYS D 44 24.18 12.35 -1.99
N SER D 45 25.38 11.95 -2.41
CA SER D 45 26.18 10.91 -1.79
C SER D 45 27.53 10.98 -2.47
N ASP D 46 28.53 10.40 -1.81
CA ASP D 46 29.88 10.39 -2.36
C ASP D 46 29.89 9.86 -3.79
N GLU D 47 29.28 8.70 -4.02
CA GLU D 47 29.23 8.13 -5.35
C GLU D 47 28.53 9.07 -6.33
N ILE D 48 27.35 9.56 -5.95
CA ILE D 48 26.56 10.40 -6.85
C ILE D 48 27.30 11.68 -7.19
N ASP D 49 27.92 12.32 -6.19
CA ASP D 49 28.61 13.58 -6.46
C ASP D 49 29.73 13.39 -7.46
N ALA D 50 30.38 12.23 -7.44
CA ALA D 50 31.42 11.97 -8.44
C ALA D 50 30.80 11.72 -9.82
N ILE D 51 29.69 10.97 -9.87
CA ILE D 51 29.01 10.73 -11.13
C ILE D 51 28.53 12.05 -11.73
N ILE D 52 28.04 12.96 -10.88
CA ILE D 52 27.51 14.23 -11.39
C ILE D 52 28.61 15.03 -12.07
N GLU D 53 29.77 15.16 -11.41
CA GLU D 53 30.78 16.05 -11.96
C GLU D 53 31.57 15.41 -13.11
N ASP D 54 31.84 14.10 -13.03
CA ASP D 54 32.73 13.46 -13.99
C ASP D 54 32.00 12.69 -15.08
N ILE D 55 30.71 12.45 -14.95
CA ILE D 55 29.98 11.75 -16.01
C ILE D 55 28.89 12.66 -16.58
N VAL D 56 28.00 13.15 -15.71
CA VAL D 56 26.86 13.93 -16.20
C VAL D 56 27.33 15.28 -16.75
N LEU D 57 28.17 15.99 -16.01
CA LEU D 57 28.54 17.35 -16.40
C LEU D 57 29.73 17.40 -17.36
N LYS D 58 30.27 16.26 -17.78
CA LYS D 58 31.35 16.25 -18.76
C LYS D 58 30.87 15.56 -20.04
N GLY D 59 31.01 14.23 -20.11
CA GLY D 59 30.54 13.50 -21.27
C GLY D 59 29.04 13.45 -21.43
N GLY D 60 28.29 13.63 -20.34
CA GLY D 60 26.85 13.69 -20.42
C GLY D 60 26.39 14.94 -21.15
N LYS D 61 26.82 16.11 -20.66
CA LYS D 61 26.47 17.37 -21.30
C LYS D 61 27.15 17.54 -22.65
N ALA D 62 28.21 16.76 -22.92
CA ALA D 62 28.85 16.84 -24.23
C ALA D 62 27.96 16.20 -25.30
N LYS D 63 27.32 15.08 -24.97
CA LYS D 63 26.41 14.42 -25.89
C LYS D 63 24.99 14.98 -25.83
N ASN D 64 24.61 15.61 -24.72
CA ASN D 64 23.30 16.26 -24.58
C ASN D 64 23.48 17.63 -23.96
N PRO D 65 23.71 18.66 -24.79
CA PRO D 65 23.92 20.02 -24.25
C PRO D 65 22.68 20.62 -23.58
N SER D 66 21.51 19.98 -23.67
CA SER D 66 20.29 20.46 -23.02
C SER D 66 20.26 20.19 -21.52
N ILE D 67 21.26 19.48 -20.98
CA ILE D 67 21.22 19.10 -19.57
C ILE D 67 21.42 20.33 -18.70
N VAL D 68 20.51 20.52 -17.74
CA VAL D 68 20.66 21.46 -16.65
C VAL D 68 20.74 20.66 -15.36
N VAL D 69 21.69 21.00 -14.50
CA VAL D 69 21.84 20.37 -13.19
C VAL D 69 21.75 21.47 -12.15
N GLU D 70 20.89 21.28 -11.15
CA GLU D 70 20.69 22.30 -10.13
C GLU D 70 20.84 21.67 -8.76
N ASP D 71 21.40 22.46 -7.84
CA ASP D 71 21.63 22.06 -6.47
C ASP D 71 20.38 22.33 -5.63
N LYS D 72 19.76 21.27 -5.14
CA LYS D 72 18.54 21.36 -4.32
C LYS D 72 18.81 20.89 -2.89
N ALA D 73 20.02 21.18 -2.42
CA ALA D 73 20.50 20.96 -1.06
C ALA D 73 20.76 19.47 -0.83
N GLY D 74 19.69 18.69 -0.70
CA GLY D 74 19.80 17.27 -0.45
C GLY D 74 19.87 16.40 -1.69
N PHE D 75 19.56 16.97 -2.86
CA PHE D 75 19.55 16.20 -4.09
C PHE D 75 19.95 17.08 -5.26
N TRP D 76 20.31 16.42 -6.35
CA TRP D 76 20.57 17.06 -7.63
C TRP D 76 19.33 16.96 -8.49
N TRP D 77 18.85 18.09 -8.98
CA TRP D 77 17.75 18.15 -9.93
C TRP D 77 18.31 18.28 -11.35
N ILE D 78 17.97 17.33 -12.21
CA ILE D 78 18.54 17.26 -13.57
C ILE D 78 17.39 17.19 -14.56
N LYS D 79 17.39 18.12 -15.52
CA LYS D 79 16.41 18.13 -16.59
C LYS D 79 17.13 18.22 -17.93
N ALA D 80 16.70 17.40 -18.88
CA ALA D 80 17.35 17.35 -20.17
C ALA D 80 16.30 17.01 -21.23
N ASP D 81 16.63 17.34 -22.48
CA ASP D 81 15.78 16.95 -23.60
C ASP D 81 16.06 15.51 -23.98
N GLY D 82 14.99 14.78 -24.29
CA GLY D 82 15.12 13.46 -24.89
C GLY D 82 15.46 12.31 -23.98
N ALA D 83 16.72 12.19 -23.57
CA ALA D 83 17.09 11.09 -22.69
C ALA D 83 18.33 11.48 -21.91
N ILE D 84 18.55 10.76 -20.83
CA ILE D 84 19.81 10.78 -20.09
C ILE D 84 20.22 9.34 -19.87
N GLU D 85 21.49 9.05 -20.11
CA GLU D 85 22.03 7.72 -19.92
C GLU D 85 23.15 7.77 -18.88
N ILE D 86 23.17 6.77 -17.99
CA ILE D 86 24.25 6.60 -17.02
C ILE D 86 24.66 5.14 -17.06
N ASP D 87 25.87 4.86 -17.57
CA ASP D 87 26.41 3.51 -17.61
C ASP D 87 27.05 3.20 -16.26
N ALA D 88 26.47 2.25 -15.52
CA ALA D 88 27.04 1.87 -14.23
C ALA D 88 28.46 1.31 -14.37
N ALA D 89 28.79 0.68 -15.51
CA ALA D 89 30.16 0.20 -15.70
C ALA D 89 31.15 1.37 -15.74
N GLU D 90 30.75 2.47 -16.37
CA GLU D 90 31.61 3.65 -16.38
C GLU D 90 31.74 4.27 -14.99
N ALA D 91 30.64 4.34 -14.26
CA ALA D 91 30.70 4.87 -12.90
C ALA D 91 31.57 3.99 -12.00
N GLY D 92 31.49 2.68 -12.19
CA GLY D 92 32.36 1.78 -11.42
C GLY D 92 33.84 2.04 -11.63
N GLU D 93 34.24 2.31 -12.87
CA GLU D 93 35.64 2.62 -13.16
C GLU D 93 36.04 3.95 -12.54
N LEU D 94 35.13 4.92 -12.57
CA LEU D 94 35.35 6.19 -11.91
C LEU D 94 35.51 6.01 -10.41
N LEU D 95 34.70 5.16 -9.80
CA LEU D 95 34.75 5.01 -8.35
C LEU D 95 35.80 4.00 -7.88
N GLY D 96 36.33 3.16 -8.77
CA GLY D 96 37.34 2.21 -8.34
C GLY D 96 36.80 1.08 -7.49
N LYS D 97 35.51 0.78 -7.64
CA LYS D 97 34.91 -0.25 -6.82
C LYS D 97 33.78 -0.88 -7.60
N PRO D 98 33.42 -2.12 -7.27
CA PRO D 98 32.29 -2.77 -7.94
C PRO D 98 31.02 -1.92 -7.88
N PHE D 99 30.32 -1.83 -9.01
CA PHE D 99 29.18 -0.93 -9.11
C PHE D 99 28.29 -1.45 -10.25
N SER D 100 27.21 -2.15 -9.88
CA SER D 100 26.25 -2.60 -10.88
C SER D 100 25.20 -1.51 -11.10
N VAL D 101 24.31 -1.74 -12.07
CA VAL D 101 23.20 -0.81 -12.30
C VAL D 101 22.31 -0.75 -11.06
N TYR D 102 22.28 -1.83 -10.27
CA TYR D 102 21.48 -1.85 -9.06
C TYR D 102 22.13 -1.04 -7.93
N ASP D 103 23.47 -1.00 -7.89
CA ASP D 103 24.15 -0.07 -6.98
C ASP D 103 23.91 1.38 -7.39
N LEU D 104 23.90 1.65 -8.70
CA LEU D 104 23.60 3.00 -9.15
C LEU D 104 22.24 3.45 -8.59
N LEU D 105 21.26 2.55 -8.61
CA LEU D 105 19.89 2.84 -8.18
C LEU D 105 19.75 3.12 -6.69
N ILE D 106 20.80 2.86 -5.89
CA ILE D 106 20.78 3.17 -4.46
C ILE D 106 20.49 4.65 -4.23
N ASN D 107 20.96 5.53 -5.11
CA ASN D 107 20.81 6.97 -4.92
C ASN D 107 20.14 7.68 -6.09
N VAL D 108 19.54 6.93 -7.00
CA VAL D 108 18.65 7.51 -8.00
C VAL D 108 17.31 7.69 -7.31
N SER D 109 16.92 8.94 -7.04
CA SER D 109 15.76 9.19 -6.21
C SER D 109 14.45 9.40 -7.00
N SER D 110 14.49 9.92 -8.22
CA SER D 110 13.22 10.09 -8.93
C SER D 110 13.45 10.21 -10.44
N THR D 111 12.38 9.92 -11.19
CA THR D 111 12.37 9.93 -12.65
C THR D 111 11.03 10.49 -13.10
N VAL D 112 11.04 11.58 -13.86
CA VAL D 112 9.87 12.02 -14.60
C VAL D 112 10.15 11.66 -16.06
N GLY D 113 9.69 10.51 -16.47
CA GLY D 113 10.05 9.95 -17.75
C GLY D 113 10.04 8.43 -17.66
N ARG D 114 10.34 7.81 -18.78
CA ARG D 114 10.39 6.36 -18.86
C ARG D 114 11.81 5.92 -18.54
N ALA D 115 11.98 5.21 -17.43
CA ALA D 115 13.31 4.81 -16.96
C ALA D 115 13.39 3.29 -16.95
N TYR D 116 14.55 2.74 -17.31
CA TYR D 116 14.65 1.28 -17.39
C TYR D 116 16.10 0.85 -17.26
N THR D 117 16.29 -0.40 -16.83
CA THR D 117 17.61 -0.99 -16.64
C THR D 117 17.83 -2.01 -17.76
N LEU D 118 18.93 -1.85 -18.48
CA LEU D 118 19.34 -2.81 -19.50
C LEU D 118 20.83 -3.02 -19.37
N GLY D 119 21.25 -4.24 -19.06
CA GLY D 119 22.67 -4.49 -18.87
C GLY D 119 23.21 -3.62 -17.75
N THR D 120 24.30 -2.93 -18.03
CA THR D 120 24.91 -2.04 -17.05
C THR D 120 24.36 -0.63 -17.11
N LYS D 121 23.37 -0.38 -17.97
CA LYS D 121 22.95 0.98 -18.30
C LYS D 121 21.61 1.31 -17.67
N PHE D 122 21.50 2.54 -17.19
CA PHE D 122 20.26 3.10 -16.70
C PHE D 122 19.88 4.22 -17.65
N THR D 123 18.71 4.09 -18.28
CA THR D 123 18.21 5.08 -19.23
C THR D 123 16.93 5.68 -18.69
N ILE D 124 16.86 7.00 -18.70
CA ILE D 124 15.61 7.74 -18.57
C ILE D 124 15.36 8.43 -19.92
N THR D 125 14.19 8.21 -20.50
CA THR D 125 13.92 8.66 -21.86
C THR D 125 12.50 9.19 -21.98
N SER D 126 12.35 10.20 -22.84
CA SER D 126 11.03 10.69 -23.21
C SER D 126 10.25 9.67 -24.02
N GLU D 127 10.93 8.68 -24.59
CA GLU D 127 10.26 7.69 -25.42
C GLU D 127 9.23 6.90 -24.61
N LEU D 128 8.15 6.52 -25.28
CA LEU D 128 7.13 5.69 -24.65
C LEU D 128 7.57 4.24 -24.79
N MET D 129 8.47 3.83 -23.90
CA MET D 129 8.94 2.45 -23.88
C MET D 129 7.78 1.48 -23.73
N GLY D 130 7.84 0.36 -24.47
CA GLY D 130 6.80 -0.63 -24.49
C GLY D 130 5.63 -0.34 -25.41
N LEU D 131 5.45 0.93 -25.79
CA LEU D 131 4.43 1.34 -26.74
C LEU D 131 5.02 1.66 -28.10
N ASP D 132 5.94 2.62 -28.17
CA ASP D 132 6.61 2.98 -29.43
C ASP D 132 7.87 2.15 -29.67
N ARG D 133 8.52 1.67 -28.61
CA ARG D 133 9.76 0.92 -28.73
C ARG D 133 9.73 -0.18 -27.68
N ALA D 134 9.90 -1.42 -28.14
CA ALA D 134 9.76 -2.58 -27.26
C ALA D 134 10.94 -2.71 -26.31
N LEU D 135 10.67 -3.28 -25.13
CA LEU D 135 11.71 -3.62 -24.16
C LEU D 135 12.30 -4.99 -24.48
N THR D 136 13.57 -5.16 -24.15
CA THR D 136 14.30 -6.36 -24.51
C THR D 136 14.96 -6.98 -23.27
N ASP D 137 15.52 -8.17 -23.47
CA ASP D 137 16.37 -8.85 -22.51
C ASP D 137 17.83 -8.66 -22.93
N ILE D 138 18.74 -9.21 -22.13
CA ILE D 138 20.17 -9.11 -22.44
C ILE D 138 20.61 -10.16 -23.46
C1 GOL E . 19.34 -0.68 11.69
O1 GOL E . 20.63 -1.16 11.40
C2 GOL E . 18.95 -1.24 13.07
O2 GOL E . 19.95 -1.00 13.99
C3 GOL E . 17.55 -0.56 13.43
O3 GOL E . 17.53 -0.24 14.80
FE FE2 F . 6.10 4.15 -1.03
FE FE2 G . 5.06 3.68 -4.07
#